data_5XKU
#
_entry.id   5XKU
#
_cell.length_a   70.983
_cell.length_b   70.983
_cell.length_c   283.728
_cell.angle_alpha   90.00
_cell.angle_beta   90.00
_cell.angle_gamma   90.00
#
_symmetry.space_group_name_H-M   'P 41 21 2'
#
loop_
_entity.id
_entity.type
_entity.pdbx_description
1 polymer 'Influenza a virus'
2 polymer 'HNIgGA6 light chain'
3 polymer 'HNIgGA6 heavy chain'
4 non-polymer 2-acetamido-2-deoxy-beta-D-glucopyranose
5 water water
#
loop_
_entity_poly.entity_id
_entity_poly.type
_entity_poly.pdbx_seq_one_letter_code
_entity_poly.pdbx_strand_id
1 'polypeptide(L)'
;MDKICLGHHAVSNGTKVNTLTERGVEVVNATETVERTNIPRICSKGKRTVDLGQCGLLGTITGPPQCDQFLEFSADLIIE
RREGSDVCYPGKFVNEEALRQILRESGGIDKEAMGFTYSGIRTNGATSACRRSGSSFYAEMKWLLSNTDNAAFPQMTKSY
KNTRKSPALIVWGIHHSVSTAEQTKLYGSGNKLVTVGSSNYQQSFVPSPGARPQVNGLSGRIDFHWLMLNPNDTVTFSFN
GAFIAPDRASFLRGKSMGIQSGVQVDANCEGDCYHSGGTIISNLPFQNIDSRAVGKCPRYVKQRSLLLATGMKNVPEIPK
GRHHHHHH
;
A
2 'polypeptide(L)'
;PGADCDIQMTQSPSSLSASVGDRVTITCRASQSISSYLNWYQQKPGKAPKLLIYAASSLQSGVPSRFSGSGSGTDFTLTI
SSLQPEDFATYYCQQSYSTPPAFGQGTKVEIKRTVAAPSVFIFPPSDEQLKSGTASVVCLLNNFYPREAKVQWKVDNALQ
SGNSQESVTEQDSKDSTYSLSSTLTLSKADYEKHKVYACEVTHQGLSSPVTKSFNRGEC
;
B
3 'polypeptide(L)'
;SQVQLQESGPGLVKPSETLSLTCTVSGGSISSGGYYWSWIRQHPGKGLEWIGYIYYSGSTDYNPSLKSRVTISVDTSKNQ
FSLKLSSVTAADTAVYYCAGGSTGDRHYYYYGMDVWGQGTTVTVSSASTKGPSVFPLAPSSKSTSGGTAALGCLVKDYFP
EPVTVSWNSGALTSGVHTFPAVLQSSGLYSLSSVVTVPSSSLGTQTYICNVNHKPSNTKVDKRVEPKSCDKTS
;
C
#
# COMPACT_ATOMS: atom_id res chain seq x y z
N ARG A 48 -50.39 27.15 -0.14
CA ARG A 48 -49.50 26.26 -0.89
C ARG A 48 -48.37 25.73 -0.01
N THR A 49 -48.09 24.43 -0.14
CA THR A 49 -47.16 23.75 0.74
C THR A 49 -45.97 23.20 -0.05
N VAL A 50 -44.92 22.86 0.68
CA VAL A 50 -43.83 22.03 0.18
C VAL A 50 -43.46 21.04 1.27
N ASP A 51 -43.36 19.77 0.90
CA ASP A 51 -42.95 18.71 1.82
C ASP A 51 -41.48 18.42 1.54
N LEU A 52 -40.62 18.82 2.47
CA LEU A 52 -39.18 18.78 2.25
C LEU A 52 -38.62 17.36 2.39
N GLY A 53 -39.30 16.49 3.11
CA GLY A 53 -38.88 15.10 3.18
C GLY A 53 -37.48 14.95 3.74
N GLN A 54 -36.62 14.30 2.96
CA GLN A 54 -35.22 14.10 3.33
C GLN A 54 -34.43 15.39 3.41
N CYS A 55 -34.94 16.47 2.82
CA CYS A 55 -34.21 17.71 2.72
C CYS A 55 -34.45 18.54 3.97
N GLY A 56 -33.37 18.88 4.67
CA GLY A 56 -33.47 19.84 5.76
C GLY A 56 -33.53 21.25 5.21
N LEU A 57 -34.31 22.11 5.90
CA LEU A 57 -34.58 23.45 5.41
C LEU A 57 -33.31 24.23 5.07
N LEU A 58 -32.28 24.14 5.91
CA LEU A 58 -31.04 24.84 5.59
C LEU A 58 -30.31 24.21 4.40
N GLY A 59 -30.56 22.92 4.14
CA GLY A 59 -30.00 22.30 2.94
C GLY A 59 -30.49 22.89 1.63
N THR A 60 -31.63 23.59 1.64
CA THR A 60 -32.03 24.25 0.41
C THR A 60 -31.08 25.37 0.05
N ILE A 61 -30.37 25.93 1.04
CA ILE A 61 -29.45 27.01 0.77
C ILE A 61 -28.13 26.48 0.21
N THR A 62 -27.62 25.39 0.79
CA THR A 62 -26.30 24.87 0.42
C THR A 62 -26.37 23.80 -0.65
N GLY A 63 -27.37 22.93 -0.58
CA GLY A 63 -27.65 21.97 -1.62
C GLY A 63 -26.93 20.62 -1.56
N PRO A 64 -27.10 19.87 -0.47
CA PRO A 64 -26.70 18.47 -0.49
C PRO A 64 -27.63 17.71 -1.41
N PRO A 65 -27.27 16.51 -1.86
CA PRO A 65 -28.06 15.87 -2.94
C PRO A 65 -29.52 15.68 -2.59
N GLN A 66 -29.85 15.48 -1.32
CA GLN A 66 -31.24 15.30 -0.93
C GLN A 66 -32.05 16.59 -1.05
N CYS A 67 -31.43 17.69 -1.46
CA CYS A 67 -32.13 18.95 -1.65
C CYS A 67 -32.12 19.44 -3.08
N ASP A 68 -31.70 18.59 -4.04
CA ASP A 68 -31.51 19.04 -5.43
C ASP A 68 -32.80 19.58 -6.04
N GLN A 69 -33.94 19.01 -5.68
CA GLN A 69 -35.23 19.44 -6.21
C GLN A 69 -35.82 20.63 -5.47
N PHE A 70 -35.14 21.15 -4.44
CA PHE A 70 -35.69 22.28 -3.68
C PHE A 70 -34.77 23.49 -3.72
N LEU A 71 -33.85 23.56 -4.69
CA LEU A 71 -32.83 24.60 -4.68
C LEU A 71 -33.42 26.00 -4.82
N GLU A 72 -34.58 26.11 -5.47
CA GLU A 72 -35.25 27.40 -5.61
C GLU A 72 -36.72 27.24 -5.32
N PHE A 73 -37.03 26.55 -4.22
CA PHE A 73 -38.42 26.22 -3.92
C PHE A 73 -39.22 27.48 -3.63
N SER A 74 -40.54 27.34 -3.79
CA SER A 74 -41.48 28.45 -3.64
C SER A 74 -42.71 27.88 -2.94
N ALA A 75 -42.96 28.31 -1.70
CA ALA A 75 -44.09 27.79 -0.96
C ALA A 75 -44.40 28.67 0.24
N ASP A 76 -45.68 28.73 0.60
CA ASP A 76 -46.12 29.50 1.77
C ASP A 76 -46.01 28.72 3.06
N LEU A 77 -46.21 27.42 3.03
CA LEU A 77 -46.06 26.58 4.23
C LEU A 77 -45.00 25.54 3.94
N ILE A 78 -44.07 25.37 4.88
CA ILE A 78 -42.92 24.50 4.70
C ILE A 78 -43.04 23.33 5.67
N ILE A 79 -43.18 22.13 5.13
CA ILE A 79 -43.32 20.93 5.94
C ILE A 79 -41.94 20.30 6.09
N GLU A 80 -41.32 20.49 7.25
CA GLU A 80 -40.03 19.89 7.55
C GLU A 80 -40.27 18.58 8.26
N ARG A 81 -39.48 17.56 7.92
CA ARG A 81 -39.67 16.23 8.47
C ARG A 81 -38.51 15.89 9.41
N ARG A 82 -38.83 15.06 10.41
CA ARG A 82 -37.81 14.64 11.38
C ARG A 82 -36.61 13.98 10.70
N GLU A 83 -36.82 13.37 9.54
CA GLU A 83 -35.76 12.70 8.80
C GLU A 83 -34.92 13.66 7.96
N GLY A 84 -35.24 14.95 7.95
CA GLY A 84 -34.47 15.89 7.15
C GLY A 84 -33.06 16.04 7.67
N SER A 85 -32.12 16.23 6.75
CA SER A 85 -30.74 16.55 7.05
C SER A 85 -30.31 17.73 6.19
N ASP A 86 -29.56 18.65 6.79
CA ASP A 86 -29.03 19.82 6.12
C ASP A 86 -27.77 19.54 5.32
N VAL A 87 -27.16 18.38 5.45
CA VAL A 87 -25.76 18.24 5.08
C VAL A 87 -25.51 16.96 4.32
N CYS A 88 -24.36 16.91 3.67
CA CYS A 88 -23.83 15.65 3.15
C CYS A 88 -22.46 15.39 3.78
N TYR A 89 -21.44 16.14 3.43
CA TYR A 89 -20.24 16.16 4.26
C TYR A 89 -20.64 16.63 5.66
N PRO A 90 -20.14 16.00 6.71
CA PRO A 90 -20.67 16.28 8.06
C PRO A 90 -20.35 17.69 8.54
N GLY A 91 -21.26 18.24 9.32
CA GLY A 91 -21.10 19.60 9.85
C GLY A 91 -22.47 20.22 10.10
N LYS A 92 -22.49 21.54 10.23
CA LYS A 92 -23.74 22.22 10.58
C LYS A 92 -23.58 23.71 10.31
N PHE A 93 -24.71 24.41 10.29
CA PHE A 93 -24.69 25.87 10.43
C PHE A 93 -24.42 26.20 11.90
N VAL A 94 -23.54 27.16 12.15
CA VAL A 94 -23.23 27.48 13.54
C VAL A 94 -24.35 28.26 14.23
N ASN A 95 -25.18 28.94 13.46
CA ASN A 95 -26.33 29.68 14.02
C ASN A 95 -27.58 29.19 13.28
N GLU A 96 -27.93 27.93 13.49
CA GLU A 96 -28.83 27.28 12.55
C GLU A 96 -30.29 27.64 12.82
N GLU A 97 -30.72 27.64 14.08
CA GLU A 97 -32.14 27.88 14.35
C GLU A 97 -32.57 29.29 13.94
N ALA A 98 -31.67 30.27 14.11
CA ALA A 98 -32.01 31.63 13.69
C ALA A 98 -32.24 31.68 12.19
N LEU A 99 -31.40 31.00 11.41
CA LEU A 99 -31.61 31.02 9.96
C LEU A 99 -32.85 30.23 9.55
N ARG A 100 -33.12 29.11 10.23
CA ARG A 100 -34.35 28.38 9.92
C ARG A 100 -35.58 29.25 10.13
N GLN A 101 -35.58 30.01 11.23
CA GLN A 101 -36.71 30.90 11.51
C GLN A 101 -36.87 31.93 10.39
N ILE A 102 -35.76 32.48 9.92
CA ILE A 102 -35.81 33.42 8.80
C ILE A 102 -36.45 32.77 7.58
N LEU A 103 -35.99 31.56 7.23
CA LEU A 103 -36.50 30.92 6.02
C LEU A 103 -37.96 30.48 6.17
N ARG A 104 -38.38 30.13 7.39
CA ARG A 104 -39.79 29.79 7.60
C ARG A 104 -40.70 30.97 7.29
N GLU A 105 -40.24 32.19 7.53
CA GLU A 105 -41.03 33.39 7.26
C GLU A 105 -40.84 33.90 5.84
N SER A 106 -40.14 33.14 4.99
CA SER A 106 -40.02 33.46 3.59
C SER A 106 -41.02 32.64 2.78
N GLY A 107 -41.11 32.95 1.49
CA GLY A 107 -41.93 32.14 0.63
C GLY A 107 -41.05 31.22 -0.21
N GLY A 108 -39.91 30.83 0.35
CA GLY A 108 -38.92 30.09 -0.40
C GLY A 108 -37.78 30.99 -0.84
N ILE A 109 -36.96 30.44 -1.76
CA ILE A 109 -35.73 31.11 -2.14
C ILE A 109 -35.57 31.11 -3.65
N ASP A 110 -34.94 32.16 -4.14
CA ASP A 110 -34.47 32.28 -5.50
C ASP A 110 -32.94 32.36 -5.50
N LYS A 111 -32.29 31.68 -6.43
CA LYS A 111 -30.83 31.59 -6.46
C LYS A 111 -30.23 32.43 -7.58
N GLU A 112 -29.13 33.11 -7.28
CA GLU A 112 -28.44 33.92 -8.29
C GLU A 112 -26.94 33.67 -8.22
N ALA A 113 -26.34 33.43 -9.38
CA ALA A 113 -24.89 33.27 -9.46
C ALA A 113 -24.16 34.49 -8.90
N MET A 114 -23.10 34.26 -8.14
CA MET A 114 -22.29 35.35 -7.61
C MET A 114 -21.08 35.68 -8.47
N GLY A 115 -20.81 34.89 -9.51
CA GLY A 115 -19.81 35.25 -10.50
C GLY A 115 -18.37 35.08 -10.10
N PHE A 116 -18.07 34.28 -9.08
CA PHE A 116 -16.69 34.08 -8.68
C PHE A 116 -15.99 33.19 -9.70
N THR A 117 -14.81 33.62 -10.15
CA THR A 117 -13.91 32.79 -10.93
C THR A 117 -12.55 32.73 -10.25
N TYR A 118 -11.79 31.70 -10.57
CA TYR A 118 -10.57 31.39 -9.84
C TYR A 118 -9.47 30.98 -10.80
N SER A 119 -8.23 31.27 -10.42
CA SER A 119 -7.07 30.80 -11.15
C SER A 119 -6.02 30.25 -10.19
N GLY A 120 -5.29 29.24 -10.62
CA GLY A 120 -4.23 28.65 -9.82
C GLY A 120 -4.69 27.62 -8.81
N ILE A 121 -5.99 27.35 -8.72
CA ILE A 121 -6.53 26.34 -7.80
C ILE A 121 -7.53 25.48 -8.56
N ARG A 122 -7.97 24.42 -7.89
CA ARG A 122 -9.07 23.58 -8.32
C ARG A 122 -10.33 24.01 -7.59
N THR A 123 -11.47 23.94 -8.28
CA THR A 123 -12.75 24.33 -7.70
C THR A 123 -13.71 23.17 -7.59
N ASN A 124 -13.26 21.96 -7.91
CA ASN A 124 -14.15 20.81 -8.03
C ASN A 124 -13.87 19.75 -6.96
N GLY A 125 -13.42 20.16 -5.78
CA GLY A 125 -13.28 19.19 -4.70
C GLY A 125 -14.55 18.40 -4.55
N ALA A 126 -14.43 17.09 -4.31
CA ALA A 126 -15.60 16.22 -4.23
C ALA A 126 -15.40 15.20 -3.11
N THR A 127 -16.52 14.73 -2.56
CA THR A 127 -16.48 13.77 -1.47
C THR A 127 -17.52 12.69 -1.66
N SER A 128 -17.17 11.46 -1.22
CA SER A 128 -18.10 10.34 -1.28
C SER A 128 -19.28 10.54 -0.35
N ALA A 129 -19.17 11.46 0.61
CA ALA A 129 -20.32 11.78 1.45
C ALA A 129 -21.44 12.50 0.69
N CYS A 130 -21.12 13.12 -0.44
CA CYS A 130 -22.12 13.85 -1.24
C CYS A 130 -22.28 13.12 -2.57
N ARG A 131 -23.15 12.11 -2.59
CA ARG A 131 -23.17 11.17 -3.71
C ARG A 131 -24.20 11.60 -4.75
N ARG A 132 -23.74 11.78 -5.99
CA ARG A 132 -24.60 11.89 -7.17
C ARG A 132 -24.08 10.86 -8.18
N SER A 133 -24.41 9.58 -7.94
CA SER A 133 -23.86 8.46 -8.71
C SER A 133 -22.34 8.60 -8.87
N GLY A 134 -21.67 8.76 -7.74
CA GLY A 134 -20.30 9.22 -7.70
C GLY A 134 -20.12 10.34 -6.70
N SER A 135 -18.85 10.70 -6.51
CA SER A 135 -18.53 11.71 -5.51
C SER A 135 -18.81 13.12 -6.03
N SER A 136 -19.37 13.95 -5.17
CA SER A 136 -19.80 15.28 -5.61
C SER A 136 -19.65 16.24 -4.43
N PHE A 137 -20.38 17.35 -4.47
CA PHE A 137 -20.28 18.34 -3.41
C PHE A 137 -21.59 19.14 -3.35
N TYR A 138 -21.69 20.00 -2.35
CA TYR A 138 -22.83 20.91 -2.25
C TYR A 138 -23.03 21.68 -3.54
N ALA A 139 -24.31 21.72 -3.97
CA ALA A 139 -24.67 22.31 -5.26
C ALA A 139 -24.37 23.81 -5.31
N GLU A 140 -24.54 24.52 -4.20
CA GLU A 140 -24.40 25.97 -4.20
C GLU A 140 -23.03 26.44 -3.75
N MET A 141 -22.10 25.51 -3.53
CA MET A 141 -20.80 25.81 -2.96
C MET A 141 -19.71 25.24 -3.85
N LYS A 142 -18.49 25.73 -3.67
CA LYS A 142 -17.31 25.17 -4.34
C LYS A 142 -16.27 24.80 -3.29
N TRP A 143 -15.84 23.55 -3.30
CA TRP A 143 -14.74 23.11 -2.44
C TRP A 143 -13.43 23.43 -3.17
N LEU A 144 -12.78 24.52 -2.79
CA LEU A 144 -11.58 24.97 -3.46
C LEU A 144 -10.36 24.23 -2.90
N LEU A 145 -9.52 23.73 -3.79
CA LEU A 145 -8.38 22.91 -3.40
C LEU A 145 -7.13 23.44 -4.08
N SER A 146 -5.96 23.13 -3.50
CA SER A 146 -4.71 23.38 -4.18
C SER A 146 -4.71 22.68 -5.54
N ASN A 147 -3.93 23.21 -6.48
CA ASN A 147 -3.99 22.71 -7.84
C ASN A 147 -3.65 21.22 -7.92
N THR A 148 -2.72 20.76 -7.07
CA THR A 148 -2.47 19.33 -6.87
C THR A 148 -2.21 19.12 -5.39
N ASP A 149 -2.29 17.87 -4.95
CA ASP A 149 -2.16 17.60 -3.53
C ASP A 149 -0.84 18.14 -3.01
N ASN A 150 -0.88 18.73 -1.81
CA ASN A 150 0.22 19.38 -1.12
C ASN A 150 0.71 20.65 -1.78
N ALA A 151 0.12 21.10 -2.87
CA ALA A 151 0.60 22.29 -3.54
C ALA A 151 0.25 23.55 -2.76
N ALA A 152 0.94 24.65 -3.07
CA ALA A 152 0.63 25.92 -2.43
C ALA A 152 -0.71 26.45 -2.90
N PHE A 153 -1.55 26.87 -1.93
CA PHE A 153 -2.82 27.53 -2.21
C PHE A 153 -2.59 29.03 -2.10
N PRO A 154 -2.69 29.79 -3.20
CA PRO A 154 -2.32 31.20 -3.14
C PRO A 154 -3.35 32.03 -2.39
N GLN A 155 -2.85 33.08 -1.73
CA GLN A 155 -3.72 34.07 -1.11
C GLN A 155 -4.64 34.68 -2.15
N MET A 156 -5.92 34.81 -1.80
CA MET A 156 -6.96 35.23 -2.74
C MET A 156 -7.98 36.12 -2.04
N THR A 157 -8.61 36.97 -2.85
CA THR A 157 -9.74 37.79 -2.42
C THR A 157 -10.82 37.69 -3.49
N LYS A 158 -12.07 37.48 -3.05
CA LYS A 158 -13.22 37.54 -3.94
C LYS A 158 -14.25 38.45 -3.30
N SER A 159 -14.97 39.19 -4.15
CA SER A 159 -15.97 40.14 -3.67
C SER A 159 -17.21 40.04 -4.54
N TYR A 160 -18.37 40.16 -3.90
CA TYR A 160 -19.66 40.12 -4.58
C TYR A 160 -20.49 41.29 -4.10
N LYS A 161 -20.98 42.09 -5.04
CA LYS A 161 -21.88 43.21 -4.74
C LYS A 161 -23.31 42.81 -5.02
N ASN A 162 -24.20 43.08 -4.07
CA ASN A 162 -25.62 42.79 -4.23
C ASN A 162 -26.26 43.90 -5.07
N THR A 163 -26.60 43.58 -6.31
CA THR A 163 -27.20 44.57 -7.20
C THR A 163 -28.71 44.42 -7.30
N ARG A 164 -29.32 43.61 -6.44
CA ARG A 164 -30.75 43.48 -6.44
C ARG A 164 -31.36 44.46 -5.45
N LYS A 165 -32.68 44.54 -5.46
CA LYS A 165 -33.40 45.47 -4.60
C LYS A 165 -33.70 44.87 -3.22
N SER A 166 -33.44 43.58 -3.04
CA SER A 166 -33.66 42.84 -1.83
C SER A 166 -32.33 42.34 -1.27
N PRO A 167 -32.24 42.12 0.04
CA PRO A 167 -31.00 41.60 0.62
C PRO A 167 -30.66 40.21 0.10
N ALA A 168 -29.36 39.95 -0.04
CA ALA A 168 -28.87 38.64 -0.47
C ALA A 168 -28.43 37.84 0.75
N LEU A 169 -28.94 36.61 0.87
CA LEU A 169 -28.47 35.69 1.90
C LEU A 169 -27.19 35.05 1.40
N ILE A 170 -26.09 35.31 2.09
CA ILE A 170 -24.76 34.84 1.69
C ILE A 170 -24.33 33.79 2.70
N VAL A 171 -23.94 32.61 2.21
CA VAL A 171 -23.48 31.51 3.05
C VAL A 171 -22.09 31.10 2.58
N TRP A 172 -21.21 30.75 3.51
CA TRP A 172 -19.91 30.16 3.20
C TRP A 172 -19.60 29.11 4.25
N GLY A 173 -18.61 28.28 3.97
CA GLY A 173 -18.22 27.22 4.89
C GLY A 173 -16.76 27.30 5.26
N ILE A 174 -16.45 26.85 6.48
CA ILE A 174 -15.08 26.64 6.94
C ILE A 174 -14.87 25.15 7.08
N HIS A 175 -13.74 24.65 6.56
CA HIS A 175 -13.43 23.24 6.60
C HIS A 175 -12.40 22.98 7.69
N HIS A 176 -12.77 22.15 8.65
CA HIS A 176 -11.89 21.72 9.73
C HIS A 176 -11.45 20.30 9.36
N SER A 177 -10.24 20.16 8.85
CA SER A 177 -9.84 18.87 8.28
C SER A 177 -9.65 17.83 9.37
N VAL A 178 -9.66 16.56 8.97
CA VAL A 178 -9.53 15.48 9.93
C VAL A 178 -8.17 15.52 10.63
N SER A 179 -7.17 16.12 9.98
CA SER A 179 -5.82 16.18 10.54
C SER A 179 -5.04 17.32 9.91
N THR A 180 -3.97 17.71 10.60
CA THR A 180 -3.02 18.65 9.99
C THR A 180 -2.46 18.07 8.70
N ALA A 181 -2.22 16.75 8.69
CA ALA A 181 -1.70 16.11 7.47
C ALA A 181 -2.67 16.30 6.31
N GLU A 182 -3.97 16.11 6.59
CA GLU A 182 -4.97 16.23 5.53
C GLU A 182 -5.13 17.67 5.08
N GLN A 183 -5.11 18.62 6.01
CA GLN A 183 -5.17 20.03 5.64
C GLN A 183 -4.03 20.42 4.70
N THR A 184 -2.83 19.89 4.95
CA THR A 184 -1.69 20.16 4.07
C THR A 184 -1.89 19.53 2.69
N LYS A 185 -2.40 18.30 2.64
CA LYS A 185 -2.61 17.70 1.33
C LYS A 185 -3.65 18.47 0.53
N LEU A 186 -4.69 18.99 1.19
CA LEU A 186 -5.77 19.62 0.44
C LEU A 186 -5.42 21.05 0.04
N TYR A 187 -4.71 21.77 0.90
CA TYR A 187 -4.56 23.22 0.79
C TYR A 187 -3.10 23.68 0.91
N GLY A 188 -2.14 22.77 1.04
CA GLY A 188 -0.78 23.17 1.29
C GLY A 188 -0.51 23.41 2.77
N SER A 189 0.76 23.32 3.14
CA SER A 189 1.14 23.51 4.53
C SER A 189 1.02 24.98 4.92
N GLY A 190 0.94 25.21 6.22
CA GLY A 190 0.88 26.55 6.77
C GLY A 190 -0.48 26.84 7.41
N ASN A 191 -0.51 27.91 8.20
CA ASN A 191 -1.74 28.37 8.84
C ASN A 191 -2.74 28.87 7.81
N LYS A 192 -4.02 28.56 8.02
CA LYS A 192 -5.08 29.04 7.14
C LYS A 192 -5.86 30.15 7.84
N LEU A 193 -6.33 31.10 7.04
CA LEU A 193 -7.11 32.22 7.54
C LEU A 193 -8.18 32.59 6.51
N VAL A 194 -9.42 32.74 6.97
CA VAL A 194 -10.53 33.20 6.15
C VAL A 194 -11.04 34.47 6.80
N THR A 195 -11.08 35.58 6.06
CA THR A 195 -11.75 36.77 6.57
C THR A 195 -12.95 37.07 5.69
N VAL A 196 -14.00 37.61 6.32
CA VAL A 196 -15.25 37.92 5.63
C VAL A 196 -15.67 39.33 6.04
N GLY A 197 -15.86 40.20 5.06
CA GLY A 197 -16.14 41.60 5.32
C GLY A 197 -17.33 42.12 4.55
N SER A 198 -18.13 42.94 5.23
CA SER A 198 -19.18 43.75 4.60
C SER A 198 -19.27 45.06 5.37
N SER A 199 -20.24 45.91 5.00
CA SER A 199 -20.45 47.15 5.74
C SER A 199 -20.92 46.89 7.16
N ASN A 200 -21.42 45.70 7.45
CA ASN A 200 -21.88 45.32 8.78
C ASN A 200 -20.84 44.52 9.55
N TYR A 201 -20.01 43.73 8.88
CA TYR A 201 -19.25 42.70 9.56
C TYR A 201 -17.80 42.68 9.15
N GLN A 202 -16.97 42.17 10.07
CA GLN A 202 -15.56 41.89 9.84
C GLN A 202 -15.21 40.75 10.79
N GLN A 203 -15.17 39.53 10.27
CA GLN A 203 -14.84 38.40 11.13
C GLN A 203 -13.80 37.52 10.46
N SER A 204 -13.05 36.84 11.32
CA SER A 204 -11.99 35.94 10.93
C SER A 204 -12.37 34.53 11.35
N PHE A 205 -11.90 33.56 10.56
CA PHE A 205 -12.15 32.16 10.84
C PHE A 205 -10.82 31.45 10.63
N VAL A 206 -10.40 30.70 11.65
CA VAL A 206 -9.23 29.84 11.56
C VAL A 206 -9.71 28.41 11.75
N PRO A 207 -9.41 27.49 10.84
CA PRO A 207 -9.82 26.11 11.03
C PRO A 207 -9.12 25.47 12.22
N SER A 208 -9.74 24.41 12.72
CA SER A 208 -9.26 23.65 13.87
C SER A 208 -9.25 22.18 13.48
N PRO A 209 -8.18 21.72 12.84
CA PRO A 209 -8.16 20.33 12.38
C PRO A 209 -8.07 19.35 13.53
N GLY A 210 -8.53 18.14 13.27
CA GLY A 210 -8.60 17.09 14.27
C GLY A 210 -9.71 16.12 13.94
N ALA A 211 -9.62 14.93 14.52
CA ALA A 211 -10.55 13.85 14.17
C ALA A 211 -11.78 13.90 15.05
N ARG A 212 -12.92 14.19 14.43
CA ARG A 212 -14.21 14.02 15.08
C ARG A 212 -14.71 12.60 14.85
N PRO A 213 -15.73 12.16 15.58
CA PRO A 213 -16.34 10.86 15.27
C PRO A 213 -16.80 10.80 13.83
N GLN A 214 -16.67 9.63 13.22
CA GLN A 214 -17.11 9.44 11.84
C GLN A 214 -18.61 9.70 11.74
N VAL A 215 -18.99 10.65 10.89
CA VAL A 215 -20.40 10.91 10.58
C VAL A 215 -20.52 10.98 9.06
N ASN A 216 -21.49 10.23 8.52
CA ASN A 216 -21.57 10.03 7.07
C ASN A 216 -20.22 9.56 6.52
N GLY A 217 -19.46 8.82 7.32
CA GLY A 217 -18.19 8.27 6.90
C GLY A 217 -16.96 9.13 7.06
N LEU A 218 -17.06 10.34 7.62
CA LEU A 218 -15.95 11.28 7.62
C LEU A 218 -15.75 11.92 9.00
N SER A 219 -14.51 12.31 9.29
CA SER A 219 -14.06 12.75 10.61
C SER A 219 -13.71 14.23 10.70
N GLY A 220 -13.55 14.92 9.57
CA GLY A 220 -13.54 16.37 9.58
C GLY A 220 -14.96 16.93 9.62
N ARG A 221 -15.04 18.26 9.54
CA ARG A 221 -16.33 18.94 9.59
C ARG A 221 -16.27 20.18 8.71
N ILE A 222 -17.39 20.46 8.04
CA ILE A 222 -17.55 21.69 7.29
C ILE A 222 -18.75 22.40 7.90
N ASP A 223 -18.50 23.55 8.52
CA ASP A 223 -19.55 24.32 9.18
C ASP A 223 -19.83 25.60 8.40
N PHE A 224 -21.11 26.00 8.37
CA PHE A 224 -21.56 27.10 7.53
C PHE A 224 -21.97 28.31 8.37
N HIS A 225 -21.84 29.47 7.74
CA HIS A 225 -22.00 30.80 8.33
C HIS A 225 -22.85 31.63 7.38
N TRP A 226 -23.62 32.58 7.92
CA TRP A 226 -24.52 33.31 7.05
C TRP A 226 -24.52 34.81 7.36
N LEU A 227 -24.80 35.61 6.33
CA LEU A 227 -25.08 37.04 6.50
C LEU A 227 -26.10 37.48 5.46
N MET A 228 -26.78 38.57 5.78
CA MET A 228 -27.79 39.19 4.91
C MET A 228 -27.16 40.45 4.34
N LEU A 229 -26.75 40.38 3.09
CA LEU A 229 -26.04 41.47 2.43
C LEU A 229 -27.04 42.46 1.87
N ASN A 230 -26.95 43.71 2.31
CA ASN A 230 -27.96 44.68 1.92
C ASN A 230 -27.79 45.14 0.48
N PRO A 231 -28.85 45.69 -0.13
CA PRO A 231 -28.74 46.18 -1.51
C PRO A 231 -27.55 47.12 -1.67
N ASN A 232 -26.82 46.93 -2.76
CA ASN A 232 -25.63 47.67 -3.16
C ASN A 232 -24.44 47.50 -2.21
N ASP A 233 -24.54 46.66 -1.19
CA ASP A 233 -23.36 46.38 -0.40
C ASP A 233 -22.57 45.23 -1.02
N THR A 234 -21.30 45.14 -0.65
CA THR A 234 -20.37 44.16 -1.18
C THR A 234 -19.81 43.32 -0.04
N VAL A 235 -19.86 42.00 -0.19
CA VAL A 235 -19.21 41.08 0.73
C VAL A 235 -17.87 40.69 0.11
N THR A 236 -16.82 40.66 0.92
CA THR A 236 -15.47 40.33 0.47
C THR A 236 -14.93 39.15 1.28
N PHE A 237 -14.47 38.11 0.58
CA PHE A 237 -13.81 36.96 1.18
C PHE A 237 -12.32 37.01 0.86
N SER A 238 -11.48 36.78 1.87
CA SER A 238 -10.05 36.61 1.69
C SER A 238 -9.60 35.34 2.40
N PHE A 239 -8.79 34.53 1.72
CA PHE A 239 -8.58 33.16 2.16
C PHE A 239 -7.36 32.58 1.46
N ASN A 240 -6.78 31.56 2.11
CA ASN A 240 -5.67 30.80 1.53
C ASN A 240 -5.87 29.29 1.66
N GLY A 241 -7.11 28.85 1.82
CA GLY A 241 -7.44 27.44 1.96
C GLY A 241 -8.51 27.24 3.01
N ALA A 242 -8.98 26.00 3.18
CA ALA A 242 -9.99 25.64 4.18
C ALA A 242 -11.28 26.43 4.02
N PHE A 243 -11.51 26.97 2.82
CA PHE A 243 -12.64 27.84 2.54
C PHE A 243 -13.62 27.13 1.61
N ILE A 244 -14.89 27.08 2.01
CA ILE A 244 -15.96 26.56 1.16
C ILE A 244 -16.72 27.76 0.61
N ALA A 245 -16.53 28.04 -0.69
CA ALA A 245 -16.98 29.30 -1.25
C ALA A 245 -18.39 29.18 -1.83
N PRO A 246 -19.19 30.24 -1.72
CA PRO A 246 -20.50 30.22 -2.37
C PRO A 246 -20.37 30.34 -3.87
N ASP A 247 -21.13 29.51 -4.58
CA ASP A 247 -21.34 29.71 -6.01
C ASP A 247 -22.51 30.64 -6.27
N ARG A 248 -23.62 30.48 -5.53
CA ARG A 248 -24.83 31.28 -5.74
C ARG A 248 -25.31 31.89 -4.42
N ALA A 249 -25.89 33.08 -4.52
CA ALA A 249 -26.56 33.74 -3.41
C ALA A 249 -28.03 33.35 -3.36
N SER A 250 -28.67 33.58 -2.21
CA SER A 250 -30.10 33.30 -2.09
C SER A 250 -30.87 34.60 -1.85
N PHE A 251 -32.04 34.72 -2.49
CA PHE A 251 -32.94 35.85 -2.28
C PHE A 251 -34.29 35.33 -1.82
N LEU A 252 -34.79 35.86 -0.71
CA LEU A 252 -36.00 35.33 -0.09
C LEU A 252 -37.25 35.77 -0.86
N ARG A 253 -38.13 34.81 -1.15
CA ARG A 253 -39.40 35.14 -1.76
C ARG A 253 -40.36 35.65 -0.71
N GLY A 254 -41.19 36.62 -1.10
CA GLY A 254 -42.30 37.00 -0.23
C GLY A 254 -43.20 35.81 0.04
N LYS A 255 -43.73 35.77 1.27
CA LYS A 255 -44.53 34.64 1.72
C LYS A 255 -46.00 34.81 1.34
N ASP B 6 -20.38 -7.45 -1.61
CA ASP B 6 -19.07 -6.83 -1.58
C ASP B 6 -18.57 -6.69 -3.02
N ILE B 7 -17.53 -5.88 -3.22
CA ILE B 7 -17.04 -5.52 -4.54
C ILE B 7 -15.78 -6.34 -4.80
N GLN B 8 -15.78 -7.07 -5.91
CA GLN B 8 -14.62 -7.84 -6.34
C GLN B 8 -13.85 -7.08 -7.41
N MET B 9 -12.54 -7.33 -7.44
CA MET B 9 -11.64 -6.76 -8.44
C MET B 9 -11.12 -7.88 -9.34
N THR B 10 -11.21 -7.68 -10.65
CA THR B 10 -10.65 -8.64 -11.61
C THR B 10 -9.44 -7.97 -12.26
N GLN B 11 -8.24 -8.52 -12.02
CA GLN B 11 -7.00 -7.95 -12.52
C GLN B 11 -6.44 -8.82 -13.65
N SER B 12 -5.88 -8.16 -14.66
CA SER B 12 -5.31 -8.88 -15.80
C SER B 12 -4.14 -8.13 -16.41
N PRO B 13 -3.21 -8.87 -17.04
CA PRO B 13 -3.08 -10.32 -17.07
C PRO B 13 -2.41 -10.81 -15.79
N SER B 14 -2.30 -12.13 -15.62
CA SER B 14 -1.63 -12.65 -14.43
C SER B 14 -0.11 -12.46 -14.50
N SER B 15 0.45 -12.44 -15.72
CA SER B 15 1.88 -12.36 -15.91
C SER B 15 2.18 -11.64 -17.23
N LEU B 16 3.28 -10.89 -17.26
CA LEU B 16 3.73 -10.34 -18.53
C LEU B 16 5.24 -10.17 -18.52
N SER B 17 5.84 -10.31 -19.70
CA SER B 17 7.25 -10.03 -19.91
C SER B 17 7.38 -8.93 -20.96
N ALA B 18 8.33 -8.04 -20.75
CA ALA B 18 8.50 -6.92 -21.65
C ALA B 18 9.94 -6.45 -21.60
N SER B 19 10.39 -5.84 -22.68
CA SER B 19 11.77 -5.39 -22.73
C SER B 19 11.92 -4.05 -22.06
N VAL B 20 13.15 -3.76 -21.62
CA VAL B 20 13.46 -2.45 -21.10
C VAL B 20 13.06 -1.40 -22.14
N GLY B 21 12.34 -0.38 -21.69
CA GLY B 21 11.89 0.68 -22.57
C GLY B 21 10.49 0.48 -23.12
N ASP B 22 9.93 -0.71 -22.99
CA ASP B 22 8.59 -0.98 -23.47
C ASP B 22 7.54 -0.28 -22.59
N ARG B 23 6.36 -0.08 -23.17
CA ARG B 23 5.21 0.44 -22.43
C ARG B 23 4.40 -0.74 -21.94
N VAL B 24 4.12 -0.78 -20.64
CA VAL B 24 3.41 -1.89 -20.02
C VAL B 24 2.11 -1.37 -19.44
N THR B 25 0.98 -2.02 -19.76
CA THR B 25 -0.30 -1.65 -19.17
C THR B 25 -0.91 -2.84 -18.44
N ILE B 26 -1.41 -2.56 -17.24
CA ILE B 26 -2.05 -3.53 -16.37
C ILE B 26 -3.43 -2.99 -16.06
N THR B 27 -4.45 -3.83 -16.10
CA THR B 27 -5.83 -3.38 -15.97
C THR B 27 -6.53 -4.04 -14.79
N CYS B 28 -7.50 -3.32 -14.23
CA CYS B 28 -8.35 -3.87 -13.18
C CYS B 28 -9.78 -3.45 -13.45
N ARG B 29 -10.71 -4.34 -13.15
CA ARG B 29 -12.13 -4.05 -13.32
C ARG B 29 -12.85 -4.34 -12.03
N ALA B 30 -13.68 -3.40 -11.58
CA ALA B 30 -14.49 -3.60 -10.39
C ALA B 30 -15.88 -4.09 -10.78
N SER B 31 -16.47 -4.90 -9.89
CA SER B 31 -17.78 -5.50 -10.14
C SER B 31 -18.93 -4.49 -10.07
N GLN B 32 -18.70 -3.29 -9.55
CA GLN B 32 -19.61 -2.16 -9.64
C GLN B 32 -18.77 -0.91 -9.50
N SER B 33 -19.37 0.26 -9.68
CA SER B 33 -18.57 1.49 -9.62
C SER B 33 -17.90 1.65 -8.26
N ILE B 34 -16.61 1.98 -8.29
CA ILE B 34 -15.88 2.33 -7.08
C ILE B 34 -15.48 3.79 -7.10
N SER B 35 -16.20 4.58 -7.89
CA SER B 35 -15.82 5.95 -8.21
C SER B 35 -14.36 6.03 -8.63
N SER B 36 -13.51 6.72 -7.87
CA SER B 36 -12.11 6.83 -8.27
C SER B 36 -11.18 6.26 -7.22
N TYR B 37 -11.71 5.44 -6.31
CA TYR B 37 -10.96 5.01 -5.13
C TYR B 37 -10.30 3.66 -5.42
N LEU B 38 -9.32 3.74 -6.29
CA LEU B 38 -8.58 2.57 -6.79
C LEU B 38 -7.10 2.84 -6.59
N ASN B 39 -6.41 1.92 -5.92
CA ASN B 39 -5.02 2.12 -5.57
C ASN B 39 -4.17 1.00 -6.19
N TRP B 40 -2.95 1.38 -6.56
CA TRP B 40 -1.95 0.46 -7.11
C TRP B 40 -0.75 0.34 -6.17
N TYR B 41 -0.30 -0.90 -5.94
CA TYR B 41 0.89 -1.23 -5.16
C TYR B 41 1.88 -2.00 -6.01
N GLN B 42 3.15 -1.85 -5.66
CA GLN B 42 4.24 -2.63 -6.22
C GLN B 42 4.86 -3.49 -5.11
N GLN B 43 5.00 -4.79 -5.34
CA GLN B 43 5.62 -5.68 -4.37
C GLN B 43 6.80 -6.41 -5.02
N LYS B 44 7.99 -6.01 -4.64
CA LYS B 44 9.19 -6.73 -5.04
C LYS B 44 9.35 -7.97 -4.17
N PRO B 45 9.96 -9.03 -4.70
CA PRO B 45 9.93 -10.32 -4.00
C PRO B 45 10.58 -10.23 -2.63
N GLY B 46 9.93 -10.87 -1.66
CA GLY B 46 10.36 -10.83 -0.27
C GLY B 46 10.07 -9.56 0.48
N LYS B 47 9.52 -8.54 -0.17
CA LYS B 47 9.32 -7.23 0.44
C LYS B 47 7.84 -6.92 0.60
N ALA B 48 7.56 -5.94 1.44
CA ALA B 48 6.19 -5.51 1.64
C ALA B 48 5.72 -4.71 0.43
N PRO B 49 4.42 -4.75 0.13
CA PRO B 49 3.87 -3.89 -0.92
C PRO B 49 4.23 -2.43 -0.65
N LYS B 50 4.39 -1.68 -1.74
CA LYS B 50 4.63 -0.23 -1.67
C LYS B 50 3.54 0.45 -2.50
N LEU B 51 2.89 1.46 -1.90
CA LEU B 51 1.84 2.18 -2.62
C LEU B 51 2.46 3.05 -3.70
N LEU B 52 1.99 2.88 -4.94
CA LEU B 52 2.43 3.70 -6.07
C LEU B 52 1.46 4.83 -6.39
N ILE B 53 0.17 4.53 -6.44
CA ILE B 53 -0.85 5.47 -6.90
C ILE B 53 -2.08 5.33 -6.00
N TYR B 54 -2.69 6.46 -5.65
CA TYR B 54 -3.95 6.41 -4.92
C TYR B 54 -4.98 7.24 -5.68
N ALA B 55 -6.26 6.98 -5.40
CA ALA B 55 -7.36 7.69 -6.04
C ALA B 55 -7.23 7.64 -7.56
N ALA B 56 -6.92 6.44 -8.06
CA ALA B 56 -6.83 6.11 -9.48
C ALA B 56 -5.65 6.76 -10.19
N SER B 57 -5.29 8.00 -9.86
CA SER B 57 -4.27 8.66 -10.68
C SER B 57 -3.27 9.54 -9.95
N SER B 58 -3.34 9.65 -8.62
CA SER B 58 -2.38 10.49 -7.90
C SER B 58 -1.15 9.68 -7.55
N LEU B 59 0.02 10.15 -7.96
CA LEU B 59 1.26 9.47 -7.68
C LEU B 59 1.72 9.73 -6.26
N GLN B 60 2.11 8.67 -5.55
CA GLN B 60 2.78 8.85 -4.27
C GLN B 60 4.06 9.65 -4.46
N SER B 61 4.40 10.45 -3.46
CA SER B 61 5.64 11.22 -3.52
C SER B 61 6.83 10.30 -3.73
N GLY B 62 7.71 10.68 -4.67
CA GLY B 62 8.91 9.91 -4.96
C GLY B 62 8.75 8.85 -6.02
N VAL B 63 7.53 8.46 -6.36
CA VAL B 63 7.34 7.44 -7.39
C VAL B 63 7.70 8.03 -8.75
N PRO B 64 8.54 7.36 -9.54
CA PRO B 64 8.94 7.92 -10.83
C PRO B 64 7.75 8.17 -11.74
N SER B 65 7.89 9.19 -12.59
CA SER B 65 6.76 9.63 -13.41
C SER B 65 6.45 8.67 -14.55
N ARG B 66 7.26 7.63 -14.79
CA ARG B 66 6.87 6.65 -15.79
C ARG B 66 5.68 5.80 -15.34
N PHE B 67 5.34 5.83 -14.05
CA PHE B 67 4.14 5.18 -13.54
C PHE B 67 2.99 6.17 -13.61
N SER B 68 1.87 5.75 -14.16
CA SER B 68 0.68 6.59 -14.20
C SER B 68 -0.56 5.73 -14.13
N GLY B 69 -1.64 6.29 -13.59
CA GLY B 69 -2.87 5.56 -13.44
C GLY B 69 -4.01 6.34 -14.06
N SER B 70 -5.01 5.60 -14.53
CA SER B 70 -6.16 6.24 -15.14
C SER B 70 -7.41 5.38 -14.92
N GLY B 71 -8.57 6.01 -15.12
CA GLY B 71 -9.82 5.29 -14.98
C GLY B 71 -10.74 5.87 -13.92
N SER B 72 -12.02 5.53 -14.03
CA SER B 72 -13.00 5.88 -13.01
C SER B 72 -14.21 5.01 -13.24
N GLY B 73 -15.00 4.84 -12.18
CA GLY B 73 -16.13 3.96 -12.28
C GLY B 73 -15.74 2.51 -12.06
N THR B 74 -15.63 1.74 -13.15
CA THR B 74 -15.31 0.32 -13.02
C THR B 74 -13.96 -0.08 -13.62
N ASP B 75 -13.46 0.64 -14.61
CA ASP B 75 -12.32 0.19 -15.40
C ASP B 75 -11.11 1.08 -15.14
N PHE B 76 -10.01 0.48 -14.68
CA PHE B 76 -8.81 1.23 -14.35
C PHE B 76 -7.57 0.61 -15.00
N THR B 77 -6.56 1.43 -15.22
CA THR B 77 -5.31 0.98 -15.84
C THR B 77 -4.09 1.58 -15.16
N LEU B 78 -3.08 0.73 -14.92
CA LEU B 78 -1.76 1.18 -14.53
C LEU B 78 -0.84 1.10 -15.75
N THR B 79 -0.14 2.20 -16.05
CA THR B 79 0.79 2.23 -17.18
C THR B 79 2.21 2.46 -16.67
N ILE B 80 3.15 1.65 -17.15
CA ILE B 80 4.56 1.95 -17.02
C ILE B 80 5.03 2.33 -18.41
N SER B 81 5.43 3.60 -18.57
CA SER B 81 5.63 4.14 -19.91
C SER B 81 6.90 3.62 -20.55
N SER B 82 7.95 3.41 -19.75
CA SER B 82 9.26 2.94 -20.24
C SER B 82 9.80 1.98 -19.18
N LEU B 83 9.50 0.70 -19.35
CA LEU B 83 9.83 -0.30 -18.34
C LEU B 83 11.33 -0.32 -18.06
N GLN B 84 11.69 -0.30 -16.79
CA GLN B 84 13.06 -0.31 -16.33
C GLN B 84 13.38 -1.66 -15.68
N PRO B 85 14.66 -2.07 -15.64
CA PRO B 85 14.98 -3.35 -15.01
C PRO B 85 14.50 -3.44 -13.56
N GLU B 86 14.60 -2.34 -12.80
CA GLU B 86 14.17 -2.34 -11.41
C GLU B 86 12.65 -2.39 -11.25
N ASP B 87 11.88 -2.41 -12.32
CA ASP B 87 10.43 -2.51 -12.22
C ASP B 87 9.94 -3.94 -12.14
N PHE B 88 10.83 -4.93 -12.22
CA PHE B 88 10.43 -6.30 -11.94
C PHE B 88 9.75 -6.36 -10.56
N ALA B 89 8.58 -7.00 -10.50
CA ALA B 89 7.74 -6.94 -9.31
C ALA B 89 6.39 -7.60 -9.60
N THR B 90 5.57 -7.81 -8.57
CA THR B 90 4.15 -8.10 -8.77
C THR B 90 3.36 -6.86 -8.37
N TYR B 91 2.42 -6.48 -9.23
CA TYR B 91 1.63 -5.25 -9.09
C TYR B 91 0.20 -5.62 -8.73
N TYR B 92 -0.38 -4.88 -7.76
CA TYR B 92 -1.72 -5.16 -7.27
C TYR B 92 -2.57 -3.91 -7.34
N CYS B 93 -3.81 -4.06 -7.79
CA CYS B 93 -4.80 -3.00 -7.55
C CYS B 93 -5.59 -3.30 -6.29
N GLN B 94 -6.18 -2.25 -5.72
CA GLN B 94 -7.02 -2.43 -4.54
C GLN B 94 -8.10 -1.35 -4.54
N GLN B 95 -9.36 -1.75 -4.43
CA GLN B 95 -10.42 -0.75 -4.27
C GLN B 95 -10.53 -0.41 -2.80
N SER B 96 -10.61 0.90 -2.52
CA SER B 96 -10.86 1.40 -1.17
C SER B 96 -12.13 2.23 -1.12
N TYR B 97 -13.04 1.99 -2.05
CA TYR B 97 -14.35 2.66 -2.01
C TYR B 97 -15.20 2.16 -0.85
N SER B 98 -15.31 0.84 -0.71
CA SER B 98 -16.16 0.23 0.30
C SER B 98 -15.36 -0.72 1.18
N THR B 99 -15.91 -0.96 2.38
CA THR B 99 -15.44 -2.04 3.24
C THR B 99 -16.39 -3.20 3.09
N PRO B 100 -15.87 -4.42 2.91
CA PRO B 100 -14.46 -4.80 2.86
C PRO B 100 -13.75 -4.34 1.59
N PRO B 101 -12.51 -3.86 1.70
CA PRO B 101 -11.74 -3.56 0.50
C PRO B 101 -11.48 -4.86 -0.27
N ALA B 102 -10.96 -4.73 -1.47
CA ALA B 102 -10.67 -5.91 -2.27
C ALA B 102 -9.43 -5.64 -3.09
N PHE B 103 -8.53 -6.62 -3.14
CA PHE B 103 -7.33 -6.58 -3.97
C PHE B 103 -7.56 -7.37 -5.25
N GLY B 104 -6.94 -6.90 -6.33
CA GLY B 104 -6.83 -7.72 -7.53
C GLY B 104 -5.89 -8.88 -7.30
N GLN B 105 -5.94 -9.86 -8.22
CA GLN B 105 -5.14 -11.07 -8.07
C GLN B 105 -3.64 -10.83 -8.29
N GLY B 106 -3.24 -9.70 -8.83
CA GLY B 106 -1.83 -9.44 -9.02
C GLY B 106 -1.37 -9.71 -10.44
N THR B 107 -0.40 -8.92 -10.89
CA THR B 107 0.26 -9.09 -12.18
C THR B 107 1.76 -9.13 -11.95
N LYS B 108 2.39 -10.27 -12.28
CA LYS B 108 3.84 -10.36 -12.18
C LYS B 108 4.48 -9.82 -13.46
N VAL B 109 5.36 -8.84 -13.33
CA VAL B 109 6.00 -8.24 -14.49
C VAL B 109 7.45 -8.74 -14.55
N GLU B 110 7.78 -9.43 -15.63
CA GLU B 110 9.12 -9.94 -15.89
C GLU B 110 9.80 -9.09 -16.96
N ILE B 111 11.13 -8.99 -16.91
CA ILE B 111 11.91 -8.25 -17.89
C ILE B 111 12.42 -9.23 -18.95
N LYS B 112 12.15 -8.93 -20.21
CA LYS B 112 12.72 -9.65 -21.34
C LYS B 112 14.08 -9.06 -21.67
N ARG B 113 15.05 -9.93 -21.93
CA ARG B 113 16.39 -9.48 -22.25
C ARG B 113 17.03 -10.47 -23.22
N THR B 114 18.23 -10.16 -23.67
CA THR B 114 18.91 -11.04 -24.61
C THR B 114 19.60 -12.19 -23.86
N VAL B 115 19.98 -13.21 -24.64
CA VAL B 115 20.54 -14.43 -24.08
C VAL B 115 21.83 -14.12 -23.31
N ALA B 116 22.02 -14.85 -22.21
CA ALA B 116 23.24 -14.79 -21.42
C ALA B 116 23.50 -16.19 -20.87
N ALA B 117 24.65 -16.78 -21.24
CA ALA B 117 25.00 -18.08 -20.68
C ALA B 117 25.39 -17.93 -19.21
N PRO B 118 25.18 -18.96 -18.40
CA PRO B 118 25.64 -18.89 -17.01
C PRO B 118 27.15 -19.02 -16.89
N SER B 119 27.70 -18.43 -15.83
CA SER B 119 29.02 -18.81 -15.37
C SER B 119 28.87 -19.86 -14.27
N VAL B 120 29.59 -20.97 -14.40
CA VAL B 120 29.33 -22.16 -13.59
C VAL B 120 30.46 -22.35 -12.60
N PHE B 121 30.10 -22.73 -11.38
CA PHE B 121 31.04 -22.98 -10.30
C PHE B 121 30.57 -24.21 -9.54
N ILE B 122 31.52 -24.91 -8.92
CA ILE B 122 31.19 -26.10 -8.16
C ILE B 122 31.89 -26.02 -6.81
N PHE B 123 31.22 -26.51 -5.77
CA PHE B 123 31.71 -26.40 -4.41
C PHE B 123 31.73 -27.77 -3.76
N PRO B 124 32.88 -28.22 -3.25
CA PRO B 124 32.93 -29.47 -2.52
C PRO B 124 32.32 -29.30 -1.13
N PRO B 125 31.91 -30.39 -0.49
CA PRO B 125 31.50 -30.29 0.92
C PRO B 125 32.61 -29.76 1.80
N SER B 126 32.21 -29.17 2.93
CA SER B 126 33.17 -28.72 3.93
C SER B 126 33.63 -29.88 4.79
N ASP B 127 34.82 -29.72 5.39
CA ASP B 127 35.31 -30.74 6.31
C ASP B 127 34.44 -30.83 7.56
N GLU B 128 33.79 -29.73 7.95
CA GLU B 128 32.94 -29.76 9.14
C GLU B 128 31.67 -30.56 8.88
N GLN B 129 31.08 -30.39 7.69
CA GLN B 129 29.86 -31.13 7.35
C GLN B 129 30.14 -32.61 7.22
N LEU B 130 31.31 -32.98 6.70
CA LEU B 130 31.66 -34.39 6.61
C LEU B 130 31.77 -35.03 7.99
N LYS B 131 32.42 -34.34 8.94
CA LYS B 131 32.47 -34.81 10.31
C LYS B 131 31.08 -35.15 10.84
N SER B 132 30.07 -34.39 10.41
CA SER B 132 28.71 -34.62 10.90
C SER B 132 28.04 -35.81 10.25
N GLY B 133 28.49 -36.22 9.06
CA GLY B 133 28.00 -37.45 8.46
C GLY B 133 27.16 -37.32 7.21
N THR B 134 27.06 -36.14 6.61
CA THR B 134 26.44 -35.99 5.30
C THR B 134 27.30 -35.09 4.43
N ALA B 135 27.07 -35.15 3.12
CA ALA B 135 27.84 -34.34 2.18
C ALA B 135 26.89 -33.63 1.22
N SER B 136 27.08 -32.33 1.06
CA SER B 136 26.31 -31.53 0.11
C SER B 136 27.27 -30.95 -0.92
N VAL B 137 27.08 -31.30 -2.18
CA VAL B 137 27.85 -30.73 -3.27
C VAL B 137 26.96 -29.73 -3.99
N VAL B 138 27.50 -28.54 -4.27
CA VAL B 138 26.69 -27.43 -4.74
C VAL B 138 27.23 -26.97 -6.09
N CYS B 139 26.34 -26.95 -7.09
CA CYS B 139 26.64 -26.40 -8.41
C CYS B 139 25.93 -25.06 -8.55
N LEU B 140 26.66 -24.02 -8.91
CA LEU B 140 26.14 -22.68 -9.04
C LEU B 140 26.14 -22.26 -10.50
N LEU B 141 24.98 -21.81 -11.00
CA LEU B 141 24.83 -21.19 -12.31
C LEU B 141 24.53 -19.72 -12.07
N ASN B 142 25.41 -18.85 -12.52
CA ASN B 142 25.35 -17.44 -12.15
C ASN B 142 24.99 -16.57 -13.35
N ASN B 143 23.93 -15.78 -13.19
CA ASN B 143 23.64 -14.64 -14.06
C ASN B 143 23.38 -15.06 -15.50
N PHE B 144 22.32 -15.85 -15.67
CA PHE B 144 21.95 -16.32 -17.00
C PHE B 144 20.53 -15.91 -17.36
N TYR B 145 20.23 -16.07 -18.65
CA TYR B 145 18.94 -15.79 -19.25
C TYR B 145 18.86 -16.46 -20.61
N PRO B 146 17.74 -17.13 -20.91
CA PRO B 146 16.51 -17.20 -20.10
C PRO B 146 16.58 -18.15 -18.90
N ARG B 147 15.45 -18.32 -18.21
CA ARG B 147 15.44 -19.07 -16.96
C ARG B 147 15.66 -20.56 -17.17
N GLU B 148 15.22 -21.11 -18.30
CA GLU B 148 15.25 -22.55 -18.53
C GLU B 148 16.69 -23.06 -18.60
N ALA B 149 16.97 -24.16 -17.90
CA ALA B 149 18.31 -24.73 -17.85
C ALA B 149 18.24 -26.14 -17.29
N LYS B 150 19.16 -26.99 -17.74
CA LYS B 150 19.28 -28.37 -17.29
C LYS B 150 20.61 -28.55 -16.59
N VAL B 151 20.58 -29.19 -15.42
CA VAL B 151 21.78 -29.44 -14.62
C VAL B 151 21.82 -30.90 -14.23
N GLN B 152 22.93 -31.58 -14.56
CA GLN B 152 23.09 -32.99 -14.22
C GLN B 152 24.42 -33.22 -13.51
N TRP B 153 24.38 -34.14 -12.55
CA TRP B 153 25.54 -34.53 -11.76
C TRP B 153 26.17 -35.80 -12.31
N LYS B 154 27.49 -35.90 -12.17
CA LYS B 154 28.23 -37.08 -12.57
C LYS B 154 29.34 -37.28 -11.55
N VAL B 155 29.48 -38.52 -11.08
CA VAL B 155 30.45 -38.85 -10.05
C VAL B 155 31.16 -40.11 -10.55
N ASP B 156 32.46 -39.99 -10.80
CA ASP B 156 33.21 -41.06 -11.48
C ASP B 156 32.58 -41.42 -12.82
N ASN B 157 32.04 -40.40 -13.49
CA ASN B 157 31.27 -40.53 -14.74
C ASN B 157 30.05 -41.42 -14.60
N ALA B 158 29.53 -41.57 -13.39
CA ALA B 158 28.22 -42.18 -13.18
C ALA B 158 27.18 -41.07 -13.10
N LEU B 159 26.20 -41.11 -13.99
CA LEU B 159 25.10 -40.15 -13.95
C LEU B 159 24.23 -40.38 -12.71
N GLN B 160 24.00 -39.31 -11.95
CA GLN B 160 23.13 -39.31 -10.78
C GLN B 160 21.73 -38.85 -11.14
N SER B 161 20.77 -39.24 -10.29
CA SER B 161 19.41 -38.74 -10.35
C SER B 161 18.74 -38.98 -9.01
N GLY B 162 17.80 -38.09 -8.68
CA GLY B 162 16.98 -38.23 -7.49
C GLY B 162 17.60 -37.74 -6.19
N ASN B 163 18.92 -37.65 -6.10
CA ASN B 163 19.59 -37.25 -4.87
C ASN B 163 20.00 -35.77 -4.87
N SER B 164 19.25 -34.92 -5.57
CA SER B 164 19.61 -33.53 -5.70
C SER B 164 18.37 -32.68 -5.90
N GLN B 165 18.47 -31.41 -5.50
CA GLN B 165 17.38 -30.44 -5.63
C GLN B 165 17.96 -29.09 -6.02
N GLU B 166 17.15 -28.26 -6.68
CA GLU B 166 17.65 -26.99 -7.17
C GLU B 166 16.74 -25.83 -6.74
N SER B 167 17.33 -24.64 -6.75
CA SER B 167 16.69 -23.42 -6.29
C SER B 167 17.11 -22.27 -7.20
N VAL B 168 16.18 -21.38 -7.53
CA VAL B 168 16.47 -20.30 -8.48
C VAL B 168 16.10 -18.96 -7.86
N THR B 169 16.96 -17.98 -8.05
CA THR B 169 16.71 -16.64 -7.55
C THR B 169 15.54 -16.02 -8.32
N GLU B 170 15.02 -14.90 -7.78
CA GLU B 170 14.15 -14.08 -8.59
C GLU B 170 14.99 -13.28 -9.57
N GLN B 171 14.34 -12.84 -10.65
CA GLN B 171 15.04 -12.07 -11.65
C GLN B 171 15.74 -10.89 -11.01
N ASP B 172 16.99 -10.70 -11.39
CA ASP B 172 17.79 -9.65 -10.79
C ASP B 172 17.24 -8.29 -11.20
N SER B 173 17.37 -7.33 -10.28
CA SER B 173 16.80 -5.99 -10.45
C SER B 173 17.62 -5.08 -11.35
N LYS B 174 18.87 -5.46 -11.68
CA LYS B 174 19.77 -4.58 -12.43
C LYS B 174 20.11 -5.08 -13.82
N ASP B 175 20.39 -6.38 -13.98
CA ASP B 175 20.71 -6.93 -15.29
C ASP B 175 19.67 -7.92 -15.76
N SER B 176 18.67 -8.20 -14.92
CA SER B 176 17.52 -9.02 -15.25
C SER B 176 17.88 -10.50 -15.47
N THR B 177 19.00 -10.96 -14.93
CA THR B 177 19.37 -12.36 -15.07
C THR B 177 18.85 -13.18 -13.89
N TYR B 178 18.99 -14.49 -14.03
CA TYR B 178 18.68 -15.45 -12.99
C TYR B 178 19.96 -16.11 -12.49
N SER B 179 19.88 -16.67 -11.29
CA SER B 179 20.94 -17.53 -10.80
C SER B 179 20.29 -18.76 -10.19
N LEU B 180 21.01 -19.88 -10.24
CA LEU B 180 20.44 -21.16 -9.84
C LEU B 180 21.49 -21.96 -9.08
N SER B 181 21.03 -22.63 -8.02
CA SER B 181 21.83 -23.60 -7.28
C SER B 181 21.23 -24.98 -7.48
N SER B 182 22.10 -25.98 -7.70
CA SER B 182 21.70 -27.38 -7.66
C SER B 182 22.53 -28.06 -6.59
N THR B 183 21.87 -28.73 -5.66
CA THR B 183 22.55 -29.31 -4.52
C THR B 183 22.38 -30.81 -4.55
N LEU B 184 23.50 -31.52 -4.53
CA LEU B 184 23.53 -32.97 -4.52
C LEU B 184 23.85 -33.43 -3.11
N THR B 185 22.99 -34.27 -2.54
CA THR B 185 23.11 -34.71 -1.15
C THR B 185 23.45 -36.20 -1.09
N LEU B 186 24.57 -36.54 -0.44
CA LEU B 186 24.98 -37.91 -0.23
C LEU B 186 25.35 -38.11 1.23
N SER B 187 25.12 -39.32 1.73
CA SER B 187 25.66 -39.70 3.03
C SER B 187 27.18 -39.64 2.98
N LYS B 188 27.80 -39.43 4.15
CA LYS B 188 29.25 -39.48 4.26
C LYS B 188 29.80 -40.76 3.64
N ALA B 189 29.01 -41.84 3.66
CA ALA B 189 29.36 -43.10 3.02
C ALA B 189 29.64 -42.92 1.53
N ASP B 190 28.60 -42.63 0.75
CA ASP B 190 28.75 -42.59 -0.70
C ASP B 190 29.77 -41.55 -1.14
N TYR B 191 29.88 -40.44 -0.40
CA TYR B 191 30.78 -39.39 -0.87
C TYR B 191 32.24 -39.85 -0.84
N GLU B 192 32.65 -40.53 0.23
CA GLU B 192 34.02 -41.03 0.32
C GLU B 192 34.29 -42.15 -0.68
N LYS B 193 33.25 -42.86 -1.12
CA LYS B 193 33.43 -43.95 -2.07
C LYS B 193 34.06 -43.50 -3.39
N HIS B 194 34.07 -42.21 -3.69
CA HIS B 194 34.29 -41.74 -5.05
C HIS B 194 35.23 -40.54 -5.05
N LYS B 195 35.77 -40.22 -6.22
CA LYS B 195 36.83 -39.24 -6.36
C LYS B 195 36.42 -38.00 -7.14
N VAL B 196 35.81 -38.16 -8.32
CA VAL B 196 35.61 -37.05 -9.25
C VAL B 196 34.13 -36.69 -9.28
N TYR B 197 33.81 -35.47 -8.88
CA TYR B 197 32.44 -34.97 -8.81
C TYR B 197 32.27 -33.85 -9.83
N ALA B 198 31.30 -34.01 -10.75
CA ALA B 198 31.14 -33.09 -11.87
C ALA B 198 29.68 -32.66 -12.03
N CYS B 199 29.51 -31.43 -12.52
CA CYS B 199 28.20 -30.80 -12.77
C CYS B 199 28.15 -30.37 -14.24
N GLU B 200 27.14 -30.84 -14.97
CA GLU B 200 27.02 -30.57 -16.40
C GLU B 200 25.78 -29.71 -16.69
N VAL B 201 26.00 -28.56 -17.34
CA VAL B 201 24.99 -27.52 -17.53
C VAL B 201 24.66 -27.37 -19.01
N THR B 202 23.37 -27.44 -19.33
CA THR B 202 22.83 -27.12 -20.64
C THR B 202 22.04 -25.82 -20.56
N HIS B 203 22.22 -24.93 -21.53
CA HIS B 203 21.51 -23.65 -21.56
C HIS B 203 21.58 -23.05 -22.96
N GLN B 204 20.57 -22.24 -23.30
CA GLN B 204 20.50 -21.67 -24.65
C GLN B 204 21.73 -20.84 -25.00
N GLY B 205 22.38 -20.23 -24.01
CA GLY B 205 23.56 -19.44 -24.30
C GLY B 205 24.81 -20.25 -24.53
N LEU B 206 24.72 -21.57 -24.45
CA LEU B 206 25.87 -22.46 -24.51
C LEU B 206 25.72 -23.29 -25.78
N SER B 207 26.71 -23.21 -26.67
CA SER B 207 26.66 -24.02 -27.88
C SER B 207 26.71 -25.50 -27.56
N SER B 208 27.55 -25.90 -26.60
CA SER B 208 27.60 -27.25 -26.09
C SER B 208 27.69 -27.20 -24.57
N PRO B 209 27.35 -28.30 -23.88
CA PRO B 209 27.30 -28.27 -22.41
C PRO B 209 28.62 -27.89 -21.75
N VAL B 210 28.51 -27.32 -20.56
CA VAL B 210 29.66 -26.92 -19.74
C VAL B 210 29.74 -27.85 -18.54
N THR B 211 30.96 -28.26 -18.19
CA THR B 211 31.19 -29.13 -17.05
C THR B 211 32.19 -28.47 -16.10
N LYS B 212 31.88 -28.44 -14.83
CA LYS B 212 32.83 -28.12 -13.78
C LYS B 212 32.99 -29.35 -12.90
N SER B 213 34.18 -29.51 -12.31
CA SER B 213 34.44 -30.69 -11.50
C SER B 213 35.57 -30.41 -10.51
N PHE B 214 35.67 -31.29 -9.52
CA PHE B 214 36.80 -31.32 -8.60
C PHE B 214 37.15 -32.77 -8.29
N ASN B 215 38.37 -32.97 -7.79
CA ASN B 215 38.80 -34.26 -7.25
C ASN B 215 38.66 -34.22 -5.74
N ARG B 216 38.04 -35.25 -5.18
CA ARG B 216 37.82 -35.33 -3.74
C ARG B 216 39.13 -35.34 -2.93
N GLN C 2 5.97 10.49 8.99
CA GLN C 2 7.13 9.74 9.45
C GLN C 2 6.68 8.54 10.26
N VAL C 3 5.43 8.13 10.04
CA VAL C 3 4.89 6.95 10.70
C VAL C 3 5.59 5.71 10.15
N GLN C 4 6.02 4.82 11.05
CA GLN C 4 6.63 3.56 10.66
C GLN C 4 6.04 2.43 11.49
N LEU C 5 6.01 1.23 10.90
CA LEU C 5 5.32 0.07 11.47
C LEU C 5 6.29 -1.11 11.56
N GLN C 6 6.12 -1.93 12.59
CA GLN C 6 6.97 -3.12 12.75
C GLN C 6 6.23 -4.26 13.42
N GLU C 7 6.16 -5.40 12.72
CA GLU C 7 5.52 -6.58 13.26
C GLU C 7 6.39 -7.26 14.31
N SER C 8 5.76 -7.85 15.31
CA SER C 8 6.48 -8.76 16.17
C SER C 8 5.56 -9.90 16.58
N GLY C 9 6.16 -10.99 17.06
CA GLY C 9 5.42 -12.17 17.43
C GLY C 9 6.12 -13.43 16.98
N PRO C 10 5.68 -14.57 17.53
CA PRO C 10 6.28 -15.87 17.17
C PRO C 10 6.11 -16.19 15.69
N GLY C 11 7.10 -16.91 15.15
CA GLY C 11 7.04 -17.41 13.79
C GLY C 11 6.54 -18.84 13.68
N LEU C 12 6.17 -19.46 14.79
CA LEU C 12 5.73 -20.84 14.84
C LEU C 12 4.50 -20.95 15.72
N VAL C 13 3.46 -21.62 15.23
CA VAL C 13 2.20 -21.79 15.92
C VAL C 13 1.70 -23.21 15.69
N LYS C 14 1.40 -23.92 16.75
CA LYS C 14 0.93 -25.29 16.60
C LYS C 14 -0.51 -25.28 16.09
N PRO C 15 -0.89 -26.29 15.29
CA PRO C 15 -2.27 -26.38 14.81
C PRO C 15 -3.27 -26.35 15.96
N SER C 16 -4.42 -25.74 15.69
CA SER C 16 -5.54 -25.52 16.62
C SER C 16 -5.23 -24.42 17.63
N GLU C 17 -3.96 -24.07 17.82
CA GLU C 17 -3.59 -22.98 18.72
C GLU C 17 -3.96 -21.62 18.10
N THR C 18 -3.64 -20.56 18.82
CA THR C 18 -3.99 -19.19 18.43
C THR C 18 -2.75 -18.42 18.01
N LEU C 19 -2.83 -17.79 16.84
CA LEU C 19 -1.77 -16.93 16.33
C LEU C 19 -1.96 -15.53 16.89
N SER C 20 -0.89 -14.95 17.44
CA SER C 20 -0.90 -13.58 17.98
C SER C 20 0.26 -12.81 17.39
N LEU C 21 -0.03 -11.62 16.86
CA LEU C 21 0.99 -10.71 16.38
C LEU C 21 0.70 -9.31 16.85
N THR C 22 1.76 -8.52 16.93
CA THR C 22 1.69 -7.13 17.36
C THR C 22 2.36 -6.26 16.33
N CYS C 23 1.81 -5.06 16.13
CA CYS C 23 2.39 -4.05 15.26
C CYS C 23 2.65 -2.82 16.11
N THR C 24 3.90 -2.39 16.17
CA THR C 24 4.30 -1.21 16.91
C THR C 24 4.39 -0.01 15.97
N VAL C 25 3.59 1.01 16.25
CA VAL C 25 3.60 2.25 15.47
C VAL C 25 4.58 3.23 16.12
N SER C 26 5.44 3.82 15.32
CA SER C 26 6.28 4.92 15.79
C SER C 26 6.07 6.10 14.86
N GLY C 27 6.47 7.28 15.34
CA GLY C 27 6.33 8.49 14.55
C GLY C 27 4.95 9.09 14.53
N GLY C 28 4.04 8.56 15.34
CA GLY C 28 2.69 9.11 15.39
C GLY C 28 1.85 8.35 16.41
N SER C 29 0.80 9.02 16.85
CA SER C 29 -0.11 8.40 17.81
C SER C 29 -1.10 7.49 17.11
N ILE C 30 -1.40 6.36 17.74
CA ILE C 30 -2.20 5.34 17.08
C ILE C 30 -3.70 5.68 17.07
N SER C 31 -4.18 6.49 18.00
CA SER C 31 -5.61 6.82 18.06
C SER C 31 -5.88 8.30 17.75
N SER C 32 -4.95 8.96 17.06
CA SER C 32 -5.14 10.35 16.66
C SER C 32 -6.30 10.52 15.68
N GLY C 33 -6.62 9.47 14.92
CA GLY C 33 -7.60 9.59 13.85
C GLY C 33 -7.02 9.99 12.51
N GLY C 34 -5.71 10.19 12.41
CA GLY C 34 -5.06 10.39 11.13
C GLY C 34 -4.83 9.13 10.31
N TYR C 35 -5.11 7.95 10.89
CA TYR C 35 -4.87 6.68 10.22
C TYR C 35 -5.95 5.71 10.62
N TYR C 36 -6.26 4.77 9.74
CA TYR C 36 -6.87 3.51 10.11
C TYR C 36 -5.82 2.43 9.93
N TRP C 37 -5.94 1.35 10.68
CA TRP C 37 -4.90 0.33 10.76
C TRP C 37 -5.42 -1.01 10.24
N SER C 38 -4.50 -1.87 9.80
CA SER C 38 -4.95 -3.05 9.07
C SER C 38 -3.94 -4.19 9.17
N TRP C 39 -4.47 -5.41 9.11
CA TRP C 39 -3.69 -6.62 8.93
C TRP C 39 -4.04 -7.26 7.59
N ILE C 40 -3.01 -7.68 6.88
CA ILE C 40 -3.11 -8.29 5.56
C ILE C 40 -2.14 -9.46 5.56
N ARG C 41 -2.48 -10.56 4.90
CA ARG C 41 -1.51 -11.65 4.83
C ARG C 41 -1.30 -12.11 3.40
N GLN C 42 -0.23 -12.88 3.21
CA GLN C 42 0.12 -13.37 1.88
C GLN C 42 0.54 -14.83 1.99
N HIS C 43 -0.27 -15.72 1.43
CA HIS C 43 0.09 -17.12 1.38
C HIS C 43 1.19 -17.32 0.34
N PRO C 44 2.10 -18.27 0.57
CA PRO C 44 3.15 -18.56 -0.40
C PRO C 44 2.61 -18.69 -1.82
N GLY C 45 3.10 -17.83 -2.71
CA GLY C 45 2.70 -17.86 -4.11
C GLY C 45 1.32 -17.30 -4.40
N LYS C 46 0.71 -16.62 -3.44
CA LYS C 46 -0.65 -16.13 -3.61
C LYS C 46 -0.64 -14.61 -3.52
N GLY C 47 -1.83 -14.04 -3.62
CA GLY C 47 -2.00 -12.60 -3.55
C GLY C 47 -2.14 -12.10 -2.13
N LEU C 48 -2.56 -10.85 -2.03
CA LEU C 48 -2.80 -10.19 -0.74
C LEU C 48 -4.22 -10.43 -0.27
N GLU C 49 -4.37 -10.86 0.99
CA GLU C 49 -5.70 -11.11 1.56
C GLU C 49 -5.88 -10.18 2.76
N TRP C 50 -6.91 -9.34 2.71
CA TRP C 50 -7.21 -8.43 3.81
C TRP C 50 -7.81 -9.19 4.98
N ILE C 51 -7.28 -8.98 6.17
CA ILE C 51 -7.83 -9.60 7.38
C ILE C 51 -8.83 -8.69 8.06
N GLY C 52 -8.52 -7.41 8.20
CA GLY C 52 -9.45 -6.50 8.85
C GLY C 52 -8.87 -5.13 9.01
N TYR C 53 -9.74 -4.20 9.41
CA TYR C 53 -9.37 -2.84 9.79
C TYR C 53 -9.64 -2.64 11.27
N ILE C 54 -8.90 -1.72 11.89
CA ILE C 54 -9.32 -1.14 13.17
C ILE C 54 -9.12 0.37 13.09
N TYR C 55 -10.07 1.13 13.62
CA TYR C 55 -10.11 2.58 13.51
C TYR C 55 -9.71 3.23 14.83
N TYR C 56 -9.42 4.53 14.76
CA TYR C 56 -8.98 5.26 15.95
C TYR C 56 -9.95 5.15 17.11
N SER C 57 -11.20 4.85 16.84
CA SER C 57 -12.23 4.64 17.85
C SER C 57 -12.23 3.23 18.44
N GLY C 58 -11.39 2.32 17.95
CA GLY C 58 -11.45 0.94 18.38
C GLY C 58 -12.48 0.07 17.68
N SER C 59 -13.34 0.63 16.84
CA SER C 59 -14.24 -0.25 16.09
C SER C 59 -13.44 -0.98 15.01
N THR C 60 -13.98 -2.12 14.56
CA THR C 60 -13.29 -2.97 13.60
C THR C 60 -14.19 -3.36 12.44
N ASP C 61 -13.55 -3.78 11.34
CA ASP C 61 -14.20 -4.46 10.23
C ASP C 61 -13.33 -5.66 9.86
N TYR C 62 -13.94 -6.83 9.74
CA TYR C 62 -13.22 -8.07 9.50
C TYR C 62 -13.58 -8.65 8.13
N ASN C 63 -12.66 -9.45 7.62
CA ASN C 63 -12.94 -10.30 6.48
C ASN C 63 -13.98 -11.34 6.86
N PRO C 64 -15.15 -11.36 6.22
CA PRO C 64 -16.24 -12.25 6.68
C PRO C 64 -15.86 -13.72 6.70
N SER C 65 -14.88 -14.15 5.90
CA SER C 65 -14.48 -15.56 5.90
C SER C 65 -13.67 -15.94 7.15
N LEU C 66 -13.11 -14.96 7.85
CA LEU C 66 -12.30 -15.22 9.05
C LEU C 66 -12.95 -14.69 10.32
N LYS C 67 -14.11 -14.04 10.22
CA LYS C 67 -14.65 -13.31 11.36
C LYS C 67 -14.89 -14.21 12.57
N SER C 68 -15.10 -15.50 12.36
CA SER C 68 -15.34 -16.39 13.49
C SER C 68 -14.13 -16.48 14.40
N ARG C 69 -12.91 -16.32 13.86
CA ARG C 69 -11.70 -16.57 14.63
C ARG C 69 -10.68 -15.44 14.62
N VAL C 70 -11.05 -14.24 14.16
CA VAL C 70 -10.13 -13.11 14.11
C VAL C 70 -10.55 -12.07 15.14
N THR C 71 -9.55 -11.49 15.82
CA THR C 71 -9.76 -10.33 16.67
C THR C 71 -8.62 -9.36 16.42
N ILE C 72 -8.95 -8.10 16.16
CA ILE C 72 -7.97 -7.04 16.06
C ILE C 72 -8.23 -6.08 17.21
N SER C 73 -7.16 -5.60 17.85
CA SER C 73 -7.32 -4.73 19.00
C SER C 73 -6.24 -3.65 18.97
N VAL C 74 -6.45 -2.62 19.77
CA VAL C 74 -5.51 -1.50 19.86
C VAL C 74 -5.14 -1.30 21.32
N ASP C 75 -3.87 -1.02 21.56
CA ASP C 75 -3.39 -0.68 22.90
C ASP C 75 -2.79 0.71 22.81
N THR C 76 -3.57 1.73 23.18
CA THR C 76 -3.08 3.09 23.00
C THR C 76 -1.93 3.41 23.95
N SER C 77 -1.86 2.75 25.12
CA SER C 77 -0.74 3.00 26.01
C SER C 77 0.57 2.51 25.41
N LYS C 78 0.52 1.42 24.64
CA LYS C 78 1.72 0.89 24.01
C LYS C 78 1.92 1.41 22.60
N ASN C 79 1.00 2.21 22.08
CA ASN C 79 1.02 2.63 20.68
C ASN C 79 1.16 1.44 19.73
N GLN C 80 0.39 0.38 20.01
CA GLN C 80 0.44 -0.86 19.24
C GLN C 80 -0.97 -1.27 18.87
N PHE C 81 -1.07 -2.00 17.75
CA PHE C 81 -2.28 -2.75 17.45
C PHE C 81 -1.91 -4.20 17.16
N SER C 82 -2.84 -5.11 17.39
CA SER C 82 -2.51 -6.53 17.42
C SER C 82 -3.52 -7.32 16.62
N LEU C 83 -3.14 -8.57 16.31
CA LEU C 83 -3.98 -9.53 15.62
C LEU C 83 -4.01 -10.82 16.42
N LYS C 84 -5.21 -11.39 16.58
CA LYS C 84 -5.34 -12.73 17.14
C LYS C 84 -6.21 -13.55 16.21
N LEU C 85 -5.69 -14.71 15.80
CA LEU C 85 -6.38 -15.63 14.90
C LEU C 85 -6.40 -16.99 15.57
N SER C 86 -7.59 -17.50 15.89
CA SER C 86 -7.70 -18.73 16.64
C SER C 86 -7.90 -19.93 15.69
N SER C 87 -7.64 -21.13 16.24
CA SER C 87 -7.85 -22.40 15.55
C SER C 87 -7.16 -22.44 14.18
N VAL C 88 -5.85 -22.24 14.20
CA VAL C 88 -5.11 -22.10 12.95
C VAL C 88 -4.83 -23.48 12.36
N THR C 89 -4.80 -23.53 11.03
CA THR C 89 -4.36 -24.70 10.29
C THR C 89 -3.19 -24.28 9.41
N ALA C 90 -2.61 -25.27 8.70
CA ALA C 90 -1.52 -24.98 7.77
C ALA C 90 -1.94 -23.97 6.71
N ALA C 91 -3.23 -23.82 6.44
CA ALA C 91 -3.71 -22.80 5.52
C ALA C 91 -3.38 -21.40 6.00
N ASP C 92 -3.22 -21.20 7.31
CA ASP C 92 -2.88 -19.91 7.89
C ASP C 92 -1.39 -19.63 7.87
N THR C 93 -0.57 -20.59 7.44
CA THR C 93 0.82 -20.28 7.16
C THR C 93 0.90 -19.20 6.08
N ALA C 94 1.63 -18.12 6.37
CA ALA C 94 1.58 -16.96 5.50
C ALA C 94 2.55 -15.93 6.04
N VAL C 95 2.89 -14.95 5.20
CA VAL C 95 3.54 -13.74 5.65
C VAL C 95 2.45 -12.78 6.08
N TYR C 96 2.60 -12.21 7.27
CA TYR C 96 1.59 -11.34 7.86
C TYR C 96 2.13 -9.91 7.88
N TYR C 97 1.36 -8.99 7.30
CA TYR C 97 1.76 -7.58 7.24
C TYR C 97 0.83 -6.75 8.10
N CYS C 98 1.40 -5.79 8.81
CA CYS C 98 0.57 -4.70 9.30
C CYS C 98 0.76 -3.49 8.40
N ALA C 99 -0.27 -2.67 8.34
CA ALA C 99 -0.28 -1.53 7.43
C ALA C 99 -1.19 -0.49 8.02
N GLY C 100 -1.10 0.72 7.48
CA GLY C 100 -1.99 1.79 7.88
C GLY C 100 -2.35 2.63 6.67
N GLY C 101 -3.45 3.34 6.80
CA GLY C 101 -3.85 4.23 5.72
C GLY C 101 -4.20 5.60 6.29
N SER C 102 -3.64 6.65 5.70
CA SER C 102 -3.99 8.01 6.09
C SER C 102 -5.48 8.24 5.89
N THR C 103 -6.13 8.86 6.86
CA THR C 103 -7.55 9.13 6.74
C THR C 103 -7.78 10.37 5.88
N GLY C 104 -8.84 10.34 5.08
CA GLY C 104 -9.09 11.47 4.22
C GLY C 104 -10.48 12.11 4.39
N ASP C 105 -10.62 13.33 3.91
CA ASP C 105 -11.88 14.04 3.92
C ASP C 105 -12.61 13.98 2.59
N ARG C 106 -11.89 13.77 1.49
CA ARG C 106 -12.60 13.48 0.25
C ARG C 106 -13.24 12.10 0.29
N HIS C 107 -12.65 11.19 1.06
CA HIS C 107 -13.10 9.82 1.26
C HIS C 107 -12.22 9.28 2.37
N TYR C 108 -12.81 8.56 3.31
CA TYR C 108 -12.08 8.16 4.51
C TYR C 108 -10.86 7.33 4.15
N TYR C 109 -11.01 6.44 3.16
CA TYR C 109 -9.94 5.57 2.68
C TYR C 109 -9.30 6.09 1.39
N TYR C 110 -9.20 7.42 1.23
CA TYR C 110 -8.79 8.04 -0.02
C TYR C 110 -7.38 7.67 -0.47
N TYR C 111 -6.47 7.50 0.48
CA TYR C 111 -5.05 7.43 0.16
C TYR C 111 -4.54 6.01 0.05
N GLY C 112 -5.43 5.02 0.12
CA GLY C 112 -4.96 3.63 0.16
C GLY C 112 -4.18 3.35 1.45
N MET C 113 -3.40 2.25 1.40
CA MET C 113 -2.49 1.90 2.50
C MET C 113 -1.13 2.48 2.19
N ASP C 114 -0.85 3.65 2.72
CA ASP C 114 0.42 4.29 2.39
C ASP C 114 1.56 3.89 3.32
N VAL C 115 1.30 3.23 4.45
CA VAL C 115 2.39 2.82 5.34
C VAL C 115 2.30 1.32 5.62
N TRP C 116 3.45 0.67 5.64
CA TRP C 116 3.49 -0.79 5.70
C TRP C 116 4.57 -1.25 6.67
N GLY C 117 4.31 -2.36 7.34
CA GLY C 117 5.34 -3.05 8.08
C GLY C 117 6.23 -3.85 7.15
N GLN C 118 7.19 -4.54 7.75
CA GLN C 118 8.14 -5.36 7.01
C GLN C 118 7.57 -6.70 6.61
N GLY C 119 6.54 -7.16 7.30
CA GLY C 119 6.05 -8.51 7.12
C GLY C 119 6.77 -9.47 8.05
N THR C 120 6.05 -10.41 8.62
CA THR C 120 6.69 -11.46 9.41
C THR C 120 6.05 -12.80 9.08
N THR C 121 6.91 -13.82 8.93
CA THR C 121 6.50 -15.13 8.48
C THR C 121 6.00 -15.97 9.65
N VAL C 122 4.81 -16.56 9.50
CA VAL C 122 4.27 -17.42 10.52
C VAL C 122 3.99 -18.78 9.89
N THR C 123 4.60 -19.82 10.44
CA THR C 123 4.38 -21.18 9.98
C THR C 123 3.53 -21.90 11.01
N VAL C 124 2.46 -22.54 10.55
CA VAL C 124 1.63 -23.38 11.40
C VAL C 124 2.12 -24.80 11.23
N SER C 125 2.71 -25.36 12.29
CA SER C 125 3.29 -26.70 12.24
C SER C 125 3.43 -27.21 13.67
N SER C 126 3.44 -28.54 13.79
CA SER C 126 3.70 -29.17 15.07
C SER C 126 5.18 -29.45 15.30
N ALA C 127 5.99 -29.42 14.23
CA ALA C 127 7.43 -29.64 14.33
C ALA C 127 8.07 -28.61 15.24
N SER C 128 9.27 -28.92 15.71
CA SER C 128 9.97 -28.09 16.66
C SER C 128 10.93 -27.14 15.96
N THR C 129 11.26 -26.06 16.66
CA THR C 129 12.25 -25.12 16.15
C THR C 129 13.63 -25.75 16.19
N LYS C 130 14.38 -25.59 15.10
CA LYS C 130 15.75 -26.09 15.03
C LYS C 130 16.62 -25.05 14.38
N GLY C 131 17.76 -24.76 15.00
CA GLY C 131 18.68 -23.79 14.46
C GLY C 131 19.56 -24.37 13.39
N PRO C 132 20.05 -23.52 12.48
CA PRO C 132 20.79 -24.01 11.32
C PRO C 132 22.23 -24.37 11.65
N SER C 133 22.83 -25.12 10.73
CA SER C 133 24.27 -25.27 10.66
C SER C 133 24.77 -24.51 9.43
N VAL C 134 25.88 -23.82 9.58
CA VAL C 134 26.45 -23.01 8.52
C VAL C 134 27.79 -23.60 8.12
N PHE C 135 27.95 -23.90 6.83
CA PHE C 135 29.19 -24.43 6.29
C PHE C 135 29.70 -23.56 5.15
N PRO C 136 31.01 -23.52 4.93
CA PRO C 136 31.56 -22.67 3.88
C PRO C 136 31.42 -23.28 2.49
N LEU C 137 31.39 -22.41 1.49
CA LEU C 137 31.41 -22.80 0.08
C LEU C 137 32.58 -22.08 -0.59
N ALA C 138 33.60 -22.83 -0.99
CA ALA C 138 34.82 -22.27 -1.56
C ALA C 138 35.40 -23.22 -2.60
N PRO C 139 36.10 -22.71 -3.62
CA PRO C 139 36.75 -23.51 -4.67
C PRO C 139 37.89 -24.40 -4.15
N SER C 145 38.41 -21.12 -15.01
CA SER C 145 38.18 -20.17 -13.92
C SER C 145 39.33 -19.16 -13.85
N GLY C 146 39.04 -17.91 -14.20
CA GLY C 146 40.07 -16.90 -14.35
C GLY C 146 39.91 -15.65 -13.51
N GLY C 147 39.10 -14.70 -13.98
CA GLY C 147 39.08 -13.37 -13.39
C GLY C 147 38.22 -13.19 -12.14
N THR C 148 37.17 -14.00 -12.00
CA THR C 148 36.27 -13.91 -10.86
C THR C 148 36.10 -15.27 -10.22
N ALA C 149 35.88 -15.27 -8.90
CA ALA C 149 35.66 -16.49 -8.14
C ALA C 149 34.36 -16.37 -7.38
N ALA C 150 33.83 -17.53 -6.97
CA ALA C 150 32.58 -17.58 -6.23
C ALA C 150 32.83 -18.15 -4.83
N LEU C 151 32.14 -17.57 -3.85
CA LEU C 151 32.18 -18.05 -2.48
C LEU C 151 30.77 -18.07 -1.92
N GLY C 152 30.58 -18.83 -0.85
CA GLY C 152 29.25 -18.91 -0.31
C GLY C 152 29.23 -19.47 1.09
N CYS C 153 28.00 -19.64 1.59
CA CYS C 153 27.72 -20.33 2.83
C CYS C 153 26.51 -21.23 2.62
N LEU C 154 26.60 -22.46 3.08
CA LEU C 154 25.49 -23.39 3.08
C LEU C 154 24.84 -23.34 4.46
N VAL C 155 23.54 -23.06 4.49
CA VAL C 155 22.77 -22.87 5.71
C VAL C 155 21.77 -24.02 5.76
N LYS C 156 22.09 -25.06 6.53
CA LYS C 156 21.41 -26.34 6.40
C LYS C 156 20.65 -26.71 7.67
N ASP C 157 19.51 -27.38 7.47
CA ASP C 157 18.76 -28.04 8.53
C ASP C 157 18.28 -27.05 9.60
N TYR C 158 17.31 -26.23 9.21
CA TYR C 158 16.67 -25.33 10.15
C TYR C 158 15.15 -25.35 9.95
N PHE C 159 14.45 -24.81 10.95
CA PHE C 159 13.00 -24.75 10.98
C PHE C 159 12.54 -23.82 12.11
N PRO C 160 11.57 -22.93 11.83
CA PRO C 160 10.91 -22.70 10.55
C PRO C 160 11.61 -21.62 9.77
N GLU C 161 10.99 -21.16 8.68
CA GLU C 161 11.47 -19.99 7.97
C GLU C 161 11.23 -18.75 8.81
N PRO C 162 11.99 -17.67 8.58
CA PRO C 162 13.09 -17.54 7.63
C PRO C 162 14.46 -17.48 8.30
N VAL C 163 15.54 -17.55 7.50
CA VAL C 163 16.84 -17.07 7.91
C VAL C 163 17.20 -15.90 7.01
N THR C 164 18.16 -15.12 7.46
CA THR C 164 18.68 -14.00 6.69
C THR C 164 20.19 -14.11 6.62
N VAL C 165 20.75 -13.67 5.51
CA VAL C 165 22.19 -13.72 5.29
C VAL C 165 22.64 -12.38 4.76
N SER C 166 23.62 -11.78 5.42
CA SER C 166 24.35 -10.64 4.90
C SER C 166 25.82 -11.04 4.80
N TRP C 167 26.58 -10.27 4.04
CA TRP C 167 27.99 -10.55 3.85
C TRP C 167 28.80 -9.37 4.36
N ASN C 168 29.72 -9.65 5.29
CA ASN C 168 30.49 -8.62 5.99
C ASN C 168 29.57 -7.55 6.57
N SER C 169 28.59 -8.01 7.35
CA SER C 169 27.69 -7.14 8.12
C SER C 169 26.91 -6.18 7.23
N GLY C 170 26.69 -6.55 5.97
CA GLY C 170 26.01 -5.69 5.03
C GLY C 170 26.89 -4.73 4.28
N ALA C 171 28.21 -4.81 4.45
CA ALA C 171 29.13 -4.01 3.65
C ALA C 171 29.12 -4.46 2.20
N LEU C 172 29.39 -5.74 1.97
CA LEU C 172 29.40 -6.31 0.62
C LEU C 172 27.97 -6.62 0.17
N THR C 173 27.56 -6.05 -0.95
CA THR C 173 26.17 -6.19 -1.34
C THR C 173 25.96 -6.58 -2.79
N SER C 174 26.79 -6.08 -3.72
CA SER C 174 26.59 -6.38 -5.13
C SER C 174 27.17 -7.76 -5.45
N GLY C 175 26.48 -8.48 -6.32
CA GLY C 175 26.93 -9.81 -6.69
C GLY C 175 26.70 -10.85 -5.62
N VAL C 176 25.73 -10.63 -4.75
CA VAL C 176 25.35 -11.58 -3.71
C VAL C 176 24.02 -12.19 -4.11
N HIS C 177 23.94 -13.51 -4.06
CA HIS C 177 22.68 -14.20 -4.32
C HIS C 177 22.41 -15.15 -3.16
N THR C 178 21.33 -14.88 -2.45
CA THR C 178 20.86 -15.80 -1.42
C THR C 178 19.66 -16.53 -1.97
N PHE C 179 19.77 -17.83 -2.05
CA PHE C 179 18.77 -18.57 -2.77
C PHE C 179 17.54 -18.81 -1.91
N PRO C 180 16.37 -18.97 -2.53
CA PRO C 180 15.18 -19.37 -1.77
C PRO C 180 15.42 -20.69 -1.06
N ALA C 181 15.04 -20.72 0.21
CA ALA C 181 15.15 -21.96 0.98
C ALA C 181 14.37 -23.07 0.29
N VAL C 182 14.83 -24.30 0.47
CA VAL C 182 14.15 -25.47 -0.05
C VAL C 182 13.85 -26.40 1.11
N LEU C 183 12.60 -26.78 1.23
CA LEU C 183 12.24 -27.83 2.18
C LEU C 183 12.83 -29.14 1.71
N GLN C 184 13.64 -29.77 2.55
CA GLN C 184 14.24 -31.04 2.20
C GLN C 184 13.28 -32.17 2.53
N SER C 185 13.65 -33.37 2.09
CA SER C 185 12.85 -34.57 2.36
C SER C 185 13.10 -35.06 3.77
N SER C 186 13.47 -34.16 4.68
CA SER C 186 13.58 -34.47 6.10
C SER C 186 12.69 -33.57 6.95
N GLY C 187 12.04 -32.57 6.35
CA GLY C 187 11.24 -31.62 7.09
C GLY C 187 11.96 -30.35 7.47
N LEU C 188 13.25 -30.25 7.18
CA LEU C 188 14.06 -29.09 7.52
C LEU C 188 14.41 -28.32 6.26
N TYR C 189 14.65 -27.03 6.43
CA TYR C 189 15.00 -26.17 5.31
C TYR C 189 16.50 -26.15 5.11
N SER C 190 16.91 -25.72 3.93
CA SER C 190 18.31 -25.54 3.60
C SER C 190 18.42 -24.54 2.48
N LEU C 191 19.47 -23.72 2.51
CA LEU C 191 19.72 -22.80 1.43
C LEU C 191 21.20 -22.45 1.41
N SER C 192 21.65 -21.98 0.27
CA SER C 192 22.97 -21.41 0.12
C SER C 192 22.84 -19.93 -0.20
N SER C 193 23.82 -19.18 0.26
CA SER C 193 24.01 -17.79 -0.14
C SER C 193 25.40 -17.70 -0.73
N VAL C 194 25.51 -17.11 -1.92
CA VAL C 194 26.77 -17.05 -2.62
C VAL C 194 27.06 -15.61 -3.01
N VAL C 195 28.36 -15.31 -3.17
CA VAL C 195 28.82 -14.02 -3.65
C VAL C 195 29.99 -14.26 -4.61
N THR C 196 30.03 -13.50 -5.70
CA THR C 196 31.14 -13.53 -6.63
C THR C 196 32.04 -12.33 -6.40
N VAL C 197 33.34 -12.56 -6.37
CA VAL C 197 34.32 -11.52 -6.04
C VAL C 197 35.55 -11.69 -6.92
N PRO C 198 36.28 -10.60 -7.17
CA PRO C 198 37.51 -10.72 -7.96
C PRO C 198 38.48 -11.71 -7.33
N SER C 199 38.97 -12.64 -8.15
CA SER C 199 39.79 -13.73 -7.65
C SER C 199 41.15 -13.26 -7.15
N SER C 200 41.58 -12.06 -7.54
CA SER C 200 42.82 -11.49 -7.00
C SER C 200 42.72 -11.20 -5.50
N SER C 201 41.51 -11.05 -4.98
CA SER C 201 41.27 -10.79 -3.56
C SER C 201 41.37 -12.04 -2.70
N LEU C 202 41.63 -13.20 -3.29
CA LEU C 202 41.77 -14.44 -2.51
C LEU C 202 43.22 -14.72 -2.18
N THR C 204 43.12 -12.75 0.41
CA THR C 204 43.77 -11.59 1.03
C THR C 204 42.73 -10.60 1.59
N GLN C 205 41.50 -10.70 1.07
CA GLN C 205 40.35 -10.02 1.66
C GLN C 205 39.47 -11.04 2.36
N THR C 206 38.69 -10.55 3.32
CA THR C 206 37.93 -11.42 4.21
C THR C 206 36.44 -11.35 3.86
N TYR C 207 35.81 -12.52 3.76
CA TYR C 207 34.40 -12.63 3.40
C TYR C 207 33.68 -13.44 4.47
N ILE C 208 32.68 -12.82 5.09
CA ILE C 208 31.96 -13.38 6.23
C ILE C 208 30.48 -13.33 5.91
N CYS C 209 29.82 -14.49 5.94
CA CYS C 209 28.37 -14.51 5.88
C CYS C 209 27.82 -14.38 7.30
N ASN C 210 26.75 -13.60 7.43
CA ASN C 210 26.12 -13.34 8.72
C ASN C 210 24.75 -13.99 8.66
N VAL C 211 24.62 -15.11 9.34
CA VAL C 211 23.41 -15.92 9.32
C VAL C 211 22.63 -15.66 10.60
N ASN C 212 21.33 -15.42 10.46
CA ASN C 212 20.47 -15.18 11.61
C ASN C 212 19.20 -15.99 11.47
N HIS C 213 18.85 -16.71 12.54
CA HIS C 213 17.59 -17.46 12.61
C HIS C 213 16.85 -16.96 13.86
N LYS C 214 15.88 -16.08 13.67
CA LYS C 214 15.20 -15.47 14.81
C LYS C 214 14.30 -16.43 15.57
N PRO C 215 13.58 -17.39 14.94
CA PRO C 215 12.72 -18.27 15.75
C PRO C 215 13.50 -19.17 16.68
N SER C 216 14.78 -19.39 16.42
CA SER C 216 15.63 -20.21 17.29
C SER C 216 16.67 -19.37 18.04
N ASN C 217 16.60 -18.05 17.94
CA ASN C 217 17.53 -17.17 18.65
C ASN C 217 18.98 -17.56 18.35
N THR C 218 19.26 -17.79 17.06
CA THR C 218 20.56 -18.24 16.59
C THR C 218 21.15 -17.21 15.64
N LYS C 219 22.41 -16.83 15.90
CA LYS C 219 23.17 -15.98 14.99
C LYS C 219 24.57 -16.55 14.87
N VAL C 220 25.04 -16.71 13.63
CA VAL C 220 26.35 -17.27 13.36
C VAL C 220 26.99 -16.51 12.20
N ASP C 221 28.28 -16.20 12.36
CA ASP C 221 29.12 -15.71 11.28
C ASP C 221 30.08 -16.81 10.87
N LYS C 222 30.55 -16.72 9.62
CA LYS C 222 31.42 -17.76 9.06
C LYS C 222 32.27 -17.17 7.93
N ARG C 223 33.54 -17.54 7.93
CA ARG C 223 34.54 -17.13 6.94
C ARG C 223 34.60 -18.20 5.83
N VAL C 224 35.23 -17.85 4.71
CA VAL C 224 35.31 -18.78 3.58
C VAL C 224 36.64 -18.58 2.82
N GLU C 225 37.27 -19.71 2.43
CA GLU C 225 38.56 -19.84 1.74
C GLU C 225 38.72 -21.30 1.35
N PRO C 226 39.39 -21.64 0.23
CA PRO C 226 39.50 -23.09 -0.05
C PRO C 226 40.36 -23.86 0.96
#